data_6EWT
#
_entry.id   6EWT
#
_cell.length_a   1.000
_cell.length_b   1.000
_cell.length_c   1.000
_cell.angle_alpha   90.00
_cell.angle_beta   90.00
_cell.angle_gamma   90.00
#
_symmetry.space_group_name_H-M   'P 1'
#
_entity_poly.entity_id   1
_entity_poly.type   'polypeptide(L)'
_entity_poly.pdbx_seq_one_letter_code
;MKNAAKIVNEALNQGITLFVSDNKLKYKTNRDSIPSELLEEWKQHKQELIDFLTQLESEEES
;
_entity_poly.pdbx_strand_id   A
#
# COMPACT_ATOMS: atom_id res chain seq x y z
N MET A 1 4.48 -5.98 15.60
CA MET A 1 3.24 -6.22 14.87
C MET A 1 3.01 -5.03 13.97
N LYS A 2 3.08 -5.23 12.65
CA LYS A 2 2.89 -4.18 11.67
C LYS A 2 1.40 -3.83 11.56
N ASN A 3 1.12 -2.79 10.80
CA ASN A 3 -0.20 -2.24 10.49
C ASN A 3 -0.13 -1.72 9.06
N ALA A 4 -1.26 -1.34 8.49
CA ALA A 4 -1.35 -0.82 7.13
C ALA A 4 -0.29 0.26 6.84
N ALA A 5 -0.18 1.30 7.67
CA ALA A 5 0.77 2.39 7.46
C ALA A 5 2.21 1.92 7.44
N LYS A 6 2.53 0.88 8.22
CA LYS A 6 3.89 0.35 8.28
C LYS A 6 4.32 -0.11 6.91
N ILE A 7 3.50 -0.92 6.27
CA ILE A 7 3.77 -1.47 4.95
C ILE A 7 3.75 -0.34 3.93
N VAL A 8 2.81 0.61 4.01
CA VAL A 8 2.72 1.74 3.10
C VAL A 8 4.05 2.48 3.11
N ASN A 9 4.59 2.83 4.28
CA ASN A 9 5.87 3.53 4.39
C ASN A 9 6.97 2.68 3.76
N GLU A 10 6.96 1.36 3.97
CA GLU A 10 7.97 0.47 3.41
C GLU A 10 7.94 0.56 1.88
N ALA A 11 6.74 0.71 1.28
CA ALA A 11 6.62 0.80 -0.16
C ALA A 11 7.32 2.07 -0.64
N LEU A 12 7.00 3.21 -0.02
CA LEU A 12 7.59 4.51 -0.39
C LEU A 12 9.11 4.46 -0.34
N ASN A 13 9.68 3.82 0.69
CA ASN A 13 11.13 3.70 0.87
C ASN A 13 11.76 3.00 -0.33
N GLN A 14 11.11 1.96 -0.86
CA GLN A 14 11.60 1.21 -2.01
C GLN A 14 11.25 1.91 -3.34
N GLY A 15 10.59 3.06 -3.29
CA GLY A 15 10.20 3.82 -4.47
C GLY A 15 8.90 3.32 -5.08
N ILE A 16 7.93 2.98 -4.23
CA ILE A 16 6.63 2.46 -4.63
C ILE A 16 5.55 3.29 -3.94
N THR A 17 4.32 3.24 -4.41
CA THR A 17 3.19 3.96 -3.84
C THR A 17 1.99 3.03 -3.80
N LEU A 18 1.55 2.66 -2.61
CA LEU A 18 0.39 1.82 -2.42
C LEU A 18 -0.81 2.76 -2.50
N PHE A 19 -1.81 2.38 -3.27
CA PHE A 19 -3.05 3.12 -3.47
C PHE A 19 -4.07 2.05 -3.79
N VAL A 20 -5.32 2.18 -3.40
CA VAL A 20 -6.34 1.18 -3.67
C VAL A 20 -7.22 1.70 -4.81
N SER A 21 -7.70 0.76 -5.62
CA SER A 21 -8.56 1.01 -6.76
C SER A 21 -9.68 -0.02 -6.68
N ASP A 22 -10.94 0.39 -6.76
CA ASP A 22 -12.10 -0.50 -6.71
C ASP A 22 -12.08 -1.40 -5.45
N ASN A 23 -11.70 -0.79 -4.32
CA ASN A 23 -11.60 -1.45 -3.02
C ASN A 23 -10.75 -2.70 -3.12
N LYS A 24 -9.63 -2.56 -3.82
CA LYS A 24 -8.67 -3.60 -4.03
C LYS A 24 -7.33 -2.92 -3.93
N LEU A 25 -6.57 -3.35 -2.93
CA LEU A 25 -5.25 -2.85 -2.60
C LEU A 25 -4.38 -2.88 -3.83
N LYS A 26 -4.02 -1.69 -4.31
CA LYS A 26 -3.16 -1.59 -5.49
C LYS A 26 -1.80 -1.01 -5.11
N TYR A 27 -0.86 -1.01 -6.05
CA TYR A 27 0.49 -0.50 -5.90
C TYR A 27 0.86 0.17 -7.24
N LYS A 28 1.75 1.15 -7.19
CA LYS A 28 2.27 1.95 -8.30
C LYS A 28 3.78 2.03 -8.07
N THR A 29 4.58 2.12 -9.14
CA THR A 29 6.03 2.20 -9.02
C THR A 29 6.61 2.52 -10.40
N ASN A 30 7.85 3.00 -10.41
CA ASN A 30 8.57 3.34 -11.64
C ASN A 30 9.49 2.18 -12.03
N ARG A 31 9.72 1.22 -11.13
CA ARG A 31 10.55 0.04 -11.33
C ARG A 31 9.68 -1.18 -11.11
N ASP A 32 9.90 -2.24 -11.86
CA ASP A 32 9.13 -3.47 -11.74
C ASP A 32 9.86 -4.49 -10.86
N SER A 33 11.14 -4.25 -10.57
CA SER A 33 11.97 -5.11 -9.76
C SER A 33 11.77 -4.76 -8.29
N ILE A 34 10.51 -4.72 -7.87
CA ILE A 34 10.15 -4.45 -6.49
C ILE A 34 10.45 -5.73 -5.67
N PRO A 35 10.66 -5.65 -4.36
CA PRO A 35 10.93 -6.85 -3.57
C PRO A 35 9.67 -7.70 -3.49
N SER A 36 9.81 -9.01 -3.71
CA SER A 36 8.70 -9.95 -3.66
C SER A 36 8.00 -9.96 -2.29
N GLU A 37 8.65 -9.52 -1.23
CA GLU A 37 8.08 -9.47 0.12
C GLU A 37 6.86 -8.56 0.17
N LEU A 38 6.88 -7.48 -0.63
CA LEU A 38 5.81 -6.51 -0.70
C LEU A 38 4.57 -7.19 -1.25
N LEU A 39 4.68 -7.92 -2.35
CA LEU A 39 3.53 -8.61 -2.94
C LEU A 39 2.82 -9.50 -1.92
N GLU A 40 3.58 -10.16 -1.05
CA GLU A 40 2.99 -11.04 -0.04
C GLU A 40 2.44 -10.25 1.13
N GLU A 41 3.21 -9.32 1.72
CA GLU A 41 2.71 -8.57 2.87
C GLU A 41 1.48 -7.74 2.49
N TRP A 42 1.45 -7.22 1.26
CA TRP A 42 0.35 -6.45 0.76
C TRP A 42 -0.90 -7.29 0.75
N LYS A 43 -0.80 -8.55 0.32
CA LYS A 43 -1.92 -9.48 0.27
C LYS A 43 -2.26 -9.96 1.69
N GLN A 44 -1.29 -10.05 2.58
CA GLN A 44 -1.47 -10.50 3.96
C GLN A 44 -2.29 -9.49 4.75
N HIS A 45 -2.03 -8.21 4.54
CA HIS A 45 -2.69 -7.11 5.22
C HIS A 45 -3.57 -6.31 4.25
N LYS A 46 -3.95 -6.87 3.10
CA LYS A 46 -4.77 -6.16 2.10
C LYS A 46 -6.02 -5.56 2.71
N GLN A 47 -6.67 -6.28 3.63
CA GLN A 47 -7.88 -5.82 4.27
C GLN A 47 -7.66 -4.52 5.04
N GLU A 48 -6.65 -4.45 5.90
CA GLU A 48 -6.38 -3.24 6.68
C GLU A 48 -5.73 -2.16 5.81
N LEU A 49 -4.94 -2.59 4.81
CA LEU A 49 -4.27 -1.69 3.88
C LEU A 49 -5.31 -0.90 3.12
N ILE A 50 -6.39 -1.55 2.66
CA ILE A 50 -7.46 -0.91 1.93
C ILE A 50 -8.11 0.11 2.83
N ASP A 51 -8.53 -0.31 4.01
CA ASP A 51 -9.20 0.51 5.00
C ASP A 51 -8.49 1.82 5.27
N PHE A 52 -7.18 1.75 5.44
CA PHE A 52 -6.31 2.88 5.70
C PHE A 52 -6.03 3.69 4.43
N LEU A 53 -5.76 3.02 3.32
CA LEU A 53 -5.45 3.70 2.07
C LEU A 53 -6.66 4.37 1.44
N THR A 54 -7.85 3.89 1.73
CA THR A 54 -9.08 4.45 1.20
C THR A 54 -9.57 5.58 2.08
N GLN A 55 -9.40 5.49 3.41
CA GLN A 55 -9.87 6.58 4.26
C GLN A 55 -8.98 7.80 4.06
N LEU A 56 -7.70 7.58 3.71
CA LEU A 56 -6.78 8.67 3.47
C LEU A 56 -7.10 9.30 2.10
N GLU A 57 -7.58 8.49 1.14
CA GLU A 57 -7.95 8.92 -0.20
C GLU A 57 -9.10 9.94 -0.16
N SER A 58 -9.88 9.96 0.92
CA SER A 58 -11.01 10.83 1.15
C SER A 58 -10.59 12.27 1.50
N GLU A 59 -9.37 12.47 2.01
CA GLU A 59 -8.85 13.77 2.41
C GLU A 59 -7.81 14.27 1.41
N GLU A 60 -7.57 15.56 1.40
CA GLU A 60 -6.62 16.21 0.50
C GLU A 60 -5.19 15.87 0.94
N GLU A 61 -4.82 16.18 2.18
CA GLU A 61 -3.52 15.97 2.81
C GLU A 61 -3.79 15.98 4.33
N SER A 62 -2.89 15.41 5.12
CA SER A 62 -3.01 15.33 6.58
C SER A 62 -1.66 15.14 7.21
N MET A 1 4.55 -7.99 13.86
CA MET A 1 3.34 -7.18 13.94
C MET A 1 3.51 -5.87 13.15
N LYS A 2 2.72 -5.72 12.09
CA LYS A 2 2.78 -4.53 11.26
C LYS A 2 1.38 -4.09 10.85
N ASN A 3 1.17 -2.78 10.80
CA ASN A 3 -0.13 -2.23 10.41
C ASN A 3 -0.12 -1.78 8.95
N ALA A 4 -1.27 -1.33 8.46
CA ALA A 4 -1.40 -0.88 7.08
C ALA A 4 -0.33 0.16 6.76
N ALA A 5 -0.27 1.21 7.58
CA ALA A 5 0.70 2.28 7.38
C ALA A 5 2.13 1.75 7.39
N LYS A 6 2.35 0.71 8.20
CA LYS A 6 3.67 0.10 8.31
C LYS A 6 4.18 -0.32 6.93
N ILE A 7 3.38 -1.10 6.22
CA ILE A 7 3.76 -1.56 4.89
C ILE A 7 3.85 -0.41 3.90
N VAL A 8 2.89 0.52 3.99
CA VAL A 8 2.87 1.67 3.10
C VAL A 8 4.18 2.44 3.18
N ASN A 9 4.58 2.82 4.39
CA ASN A 9 5.81 3.56 4.60
C ASN A 9 7.00 2.83 3.97
N GLU A 10 6.96 1.51 4.00
CA GLU A 10 8.03 0.69 3.44
C GLU A 10 8.02 0.77 1.91
N ALA A 11 6.82 0.81 1.34
CA ALA A 11 6.67 0.88 -0.10
C ALA A 11 7.31 2.15 -0.67
N LEU A 12 6.96 3.30 -0.08
CA LEU A 12 7.50 4.57 -0.51
C LEU A 12 9.02 4.56 -0.51
N ASN A 13 9.60 4.00 0.56
CA ASN A 13 11.06 3.92 0.68
C ASN A 13 11.65 3.14 -0.49
N GLN A 14 10.92 2.15 -0.97
CA GLN A 14 11.39 1.34 -2.10
C GLN A 14 10.90 1.90 -3.42
N GLY A 15 10.52 3.17 -3.41
CA GLY A 15 10.03 3.81 -4.62
C GLY A 15 8.74 3.20 -5.12
N ILE A 16 7.83 2.92 -4.20
CA ILE A 16 6.54 2.33 -4.56
C ILE A 16 5.39 3.05 -3.86
N THR A 17 4.37 3.40 -4.63
CA THR A 17 3.21 4.10 -4.09
C THR A 17 2.03 3.15 -3.93
N LEU A 18 1.62 2.93 -2.68
CA LEU A 18 0.49 2.04 -2.39
C LEU A 18 -0.82 2.81 -2.42
N PHE A 19 -1.72 2.40 -3.31
CA PHE A 19 -3.02 3.05 -3.43
C PHE A 19 -4.11 2.02 -3.70
N VAL A 20 -5.33 2.33 -3.25
CA VAL A 20 -6.46 1.44 -3.44
C VAL A 20 -7.29 1.84 -4.65
N SER A 21 -7.63 0.86 -5.48
CA SER A 21 -8.42 1.11 -6.69
C SER A 21 -9.58 0.14 -6.79
N ASP A 22 -10.79 0.68 -6.78
CA ASP A 22 -12.00 -0.14 -6.86
C ASP A 22 -12.13 -1.06 -5.65
N ASN A 23 -11.76 -0.53 -4.48
CA ASN A 23 -11.84 -1.29 -3.25
C ASN A 23 -10.83 -2.44 -3.26
N LYS A 24 -9.72 -2.23 -3.94
CA LYS A 24 -8.67 -3.24 -4.02
C LYS A 24 -7.29 -2.62 -3.85
N LEU A 25 -6.50 -3.21 -2.96
CA LEU A 25 -5.15 -2.70 -2.69
C LEU A 25 -4.27 -2.80 -3.94
N LYS A 26 -3.75 -1.66 -4.37
CA LYS A 26 -2.89 -1.62 -5.55
C LYS A 26 -1.55 -0.95 -5.23
N TYR A 27 -0.60 -1.08 -6.14
CA TYR A 27 0.72 -0.49 -5.96
C TYR A 27 1.23 0.13 -7.25
N LYS A 28 1.94 1.24 -7.13
CA LYS A 28 2.50 1.92 -8.30
C LYS A 28 4.01 2.08 -8.17
N THR A 29 4.70 2.11 -9.31
CA THR A 29 6.14 2.26 -9.32
C THR A 29 6.67 2.32 -10.75
N ASN A 30 7.88 2.86 -10.91
CA ASN A 30 8.50 2.98 -12.22
C ASN A 30 9.50 1.84 -12.46
N ARG A 31 9.41 0.81 -11.63
CA ARG A 31 10.30 -0.34 -11.75
C ARG A 31 9.58 -1.63 -11.39
N ASP A 32 9.96 -2.72 -12.04
CA ASP A 32 9.35 -4.02 -11.79
C ASP A 32 10.24 -4.89 -10.92
N SER A 33 11.38 -4.32 -10.52
CA SER A 33 12.34 -5.05 -9.68
C SER A 33 12.05 -4.82 -8.20
N ILE A 34 10.78 -4.89 -7.83
CA ILE A 34 10.37 -4.70 -6.44
C ILE A 34 10.52 -5.99 -5.64
N PRO A 35 10.69 -5.84 -4.32
CA PRO A 35 10.84 -6.98 -3.41
C PRO A 35 9.54 -7.78 -3.25
N SER A 36 9.63 -9.10 -3.43
CA SER A 36 8.47 -9.95 -3.32
C SER A 36 7.80 -9.79 -1.95
N GLU A 37 8.60 -9.46 -0.94
CA GLU A 37 8.09 -9.27 0.41
C GLU A 37 6.93 -8.28 0.42
N LEU A 38 6.96 -7.33 -0.50
CA LEU A 38 5.91 -6.33 -0.60
C LEU A 38 4.61 -6.94 -1.10
N LEU A 39 4.69 -7.65 -2.22
CA LEU A 39 3.52 -8.30 -2.80
C LEU A 39 2.87 -9.26 -1.81
N GLU A 40 3.70 -9.89 -0.98
CA GLU A 40 3.21 -10.83 0.02
C GLU A 40 2.54 -10.10 1.17
N GLU A 41 3.23 -9.10 1.73
CA GLU A 41 2.69 -8.33 2.84
C GLU A 41 1.42 -7.59 2.43
N TRP A 42 1.44 -7.00 1.24
CA TRP A 42 0.29 -6.26 0.73
C TRP A 42 -0.96 -7.14 0.74
N LYS A 43 -0.83 -8.36 0.20
CA LYS A 43 -1.96 -9.29 0.15
C LYS A 43 -2.29 -9.80 1.54
N GLN A 44 -1.27 -9.95 2.38
CA GLN A 44 -1.46 -10.44 3.74
C GLN A 44 -2.30 -9.46 4.56
N HIS A 45 -1.96 -8.17 4.47
CA HIS A 45 -2.68 -7.13 5.20
C HIS A 45 -3.43 -6.23 4.24
N LYS A 46 -3.97 -6.81 3.17
CA LYS A 46 -4.71 -6.05 2.18
C LYS A 46 -6.00 -5.50 2.77
N GLN A 47 -6.66 -6.31 3.61
CA GLN A 47 -7.90 -5.91 4.24
C GLN A 47 -7.75 -4.56 4.94
N GLU A 48 -6.82 -4.50 5.89
CA GLU A 48 -6.57 -3.28 6.64
C GLU A 48 -5.92 -2.21 5.74
N LEU A 49 -5.01 -2.65 4.89
CA LEU A 49 -4.31 -1.75 3.98
C LEU A 49 -5.30 -0.94 3.16
N ILE A 50 -6.35 -1.61 2.66
CA ILE A 50 -7.36 -0.96 1.86
C ILE A 50 -8.20 0.00 2.71
N ASP A 51 -8.52 -0.41 3.93
CA ASP A 51 -9.31 0.41 4.84
C ASP A 51 -8.54 1.65 5.25
N PHE A 52 -7.24 1.49 5.48
CA PHE A 52 -6.38 2.60 5.89
C PHE A 52 -6.04 3.49 4.70
N LEU A 53 -5.90 2.87 3.53
CA LEU A 53 -5.57 3.62 2.32
C LEU A 53 -6.80 4.31 1.75
N THR A 54 -7.95 3.66 1.88
CA THR A 54 -9.21 4.22 1.39
C THR A 54 -9.71 5.34 2.30
N GLN A 55 -9.49 5.17 3.60
CA GLN A 55 -9.93 6.16 4.58
C GLN A 55 -9.10 7.44 4.46
N LEU A 56 -7.88 7.31 3.96
CA LEU A 56 -6.99 8.45 3.79
C LEU A 56 -7.21 9.11 2.43
N GLU A 57 -7.64 8.32 1.46
CA GLU A 57 -7.89 8.82 0.11
C GLU A 57 -8.92 9.94 0.13
N SER A 58 -9.92 9.80 0.99
CA SER A 58 -10.97 10.80 1.11
C SER A 58 -10.40 12.17 1.45
N GLU A 59 -9.31 12.18 2.22
CA GLU A 59 -8.67 13.43 2.61
C GLU A 59 -7.83 13.99 1.46
N GLU A 60 -8.49 14.72 0.56
CA GLU A 60 -7.81 15.31 -0.59
C GLU A 60 -6.56 16.07 -0.14
N GLU A 61 -6.74 16.99 0.80
CA GLU A 61 -5.62 17.79 1.30
C GLU A 61 -4.84 17.01 2.37
N SER A 62 -4.92 15.69 2.29
CA SER A 62 -4.23 14.83 3.26
C SER A 62 -2.84 15.39 3.58
N MET A 1 3.22 -8.52 13.90
CA MET A 1 3.42 -7.28 14.65
C MET A 1 3.42 -6.03 13.75
N LYS A 2 2.69 -5.99 12.63
CA LYS A 2 2.65 -4.83 11.75
C LYS A 2 1.21 -4.46 11.43
N ASN A 3 1.06 -3.26 10.89
CA ASN A 3 -0.20 -2.62 10.52
C ASN A 3 -0.08 -2.03 9.13
N ALA A 4 -1.19 -1.62 8.55
CA ALA A 4 -1.28 -1.04 7.21
C ALA A 4 -0.25 0.06 6.95
N ALA A 5 -0.15 1.06 7.81
CA ALA A 5 0.80 2.14 7.60
C ALA A 5 2.25 1.65 7.64
N LYS A 6 2.53 0.61 8.45
CA LYS A 6 3.88 0.06 8.57
C LYS A 6 4.41 -0.36 7.20
N ILE A 7 3.64 -1.19 6.47
CA ILE A 7 4.06 -1.69 5.15
C ILE A 7 4.04 -0.55 4.13
N VAL A 8 3.12 0.42 4.26
CA VAL A 8 3.03 1.55 3.35
C VAL A 8 4.33 2.34 3.36
N ASN A 9 4.81 2.69 4.55
CA ASN A 9 6.02 3.46 4.72
C ASN A 9 7.22 2.81 4.02
N GLU A 10 7.28 1.48 4.03
CA GLU A 10 8.35 0.74 3.39
C GLU A 10 8.22 0.82 1.88
N ALA A 11 6.99 0.74 1.35
CA ALA A 11 6.75 0.81 -0.08
C ALA A 11 7.31 2.12 -0.62
N LEU A 12 6.94 3.24 0.01
CA LEU A 12 7.37 4.57 -0.41
C LEU A 12 8.89 4.66 -0.51
N ASN A 13 9.59 4.18 0.52
CA ASN A 13 11.05 4.19 0.57
C ASN A 13 11.63 3.37 -0.58
N GLN A 14 11.01 2.23 -0.91
CA GLN A 14 11.44 1.37 -2.00
C GLN A 14 11.02 1.96 -3.37
N GLY A 15 10.42 3.15 -3.40
CA GLY A 15 9.98 3.84 -4.59
C GLY A 15 8.63 3.34 -5.07
N ILE A 16 7.72 2.98 -4.16
CA ILE A 16 6.42 2.44 -4.52
C ILE A 16 5.30 3.15 -3.78
N THR A 17 4.29 3.62 -4.51
CA THR A 17 3.14 4.32 -3.96
C THR A 17 2.01 3.32 -3.90
N LEU A 18 1.43 3.11 -2.72
CA LEU A 18 0.31 2.21 -2.55
C LEU A 18 -0.94 3.06 -2.60
N PHE A 19 -1.93 2.60 -3.36
CA PHE A 19 -3.20 3.26 -3.52
C PHE A 19 -4.17 2.14 -3.83
N VAL A 20 -5.41 2.23 -3.43
CA VAL A 20 -6.40 1.20 -3.70
C VAL A 20 -7.26 1.73 -4.85
N SER A 21 -7.75 0.80 -5.67
CA SER A 21 -8.60 1.01 -6.80
C SER A 21 -9.64 -0.09 -6.72
N ASP A 22 -10.92 0.25 -6.84
CA ASP A 22 -12.04 -0.70 -6.79
C ASP A 22 -12.05 -1.51 -5.51
N ASN A 23 -11.74 -0.87 -4.37
CA ASN A 23 -11.72 -1.53 -3.07
C ASN A 23 -10.71 -2.66 -3.02
N LYS A 24 -9.65 -2.55 -3.82
CA LYS A 24 -8.60 -3.54 -3.89
C LYS A 24 -7.30 -2.79 -3.83
N LEU A 25 -6.44 -3.22 -2.92
CA LEU A 25 -5.15 -2.63 -2.73
C LEU A 25 -4.36 -2.71 -4.02
N LYS A 26 -4.04 -1.54 -4.55
CA LYS A 26 -3.22 -1.45 -5.77
C LYS A 26 -1.84 -0.89 -5.37
N TYR A 27 -0.89 -0.85 -6.31
CA TYR A 27 0.46 -0.35 -6.06
C TYR A 27 1.00 0.25 -7.38
N LYS A 28 1.81 1.29 -7.31
CA LYS A 28 2.45 1.98 -8.45
C LYS A 28 3.93 2.11 -8.14
N THR A 29 4.75 2.22 -9.19
CA THR A 29 6.19 2.35 -9.13
C THR A 29 6.68 2.54 -10.57
N ASN A 30 7.93 2.95 -10.75
CA ASN A 30 8.56 3.15 -12.05
C ASN A 30 9.24 1.83 -12.45
N ARG A 31 9.71 1.06 -11.47
CA ARG A 31 10.40 -0.21 -11.68
C ARG A 31 9.48 -1.40 -11.51
N ASP A 32 9.99 -2.57 -11.81
CA ASP A 32 9.35 -3.89 -11.73
C ASP A 32 10.16 -4.81 -10.82
N SER A 33 11.42 -4.47 -10.57
CA SER A 33 12.35 -5.21 -9.75
C SER A 33 12.15 -4.91 -8.27
N ILE A 34 10.90 -4.86 -7.81
CA ILE A 34 10.53 -4.59 -6.42
C ILE A 34 10.71 -5.88 -5.60
N PRO A 35 10.82 -5.80 -4.27
CA PRO A 35 10.99 -6.98 -3.44
C PRO A 35 9.66 -7.71 -3.36
N SER A 36 9.65 -9.01 -3.67
CA SER A 36 8.41 -9.78 -3.62
C SER A 36 7.79 -9.79 -2.20
N GLU A 37 8.53 -9.41 -1.15
CA GLU A 37 7.97 -9.36 0.21
C GLU A 37 6.80 -8.37 0.26
N LEU A 38 6.84 -7.33 -0.58
CA LEU A 38 5.77 -6.32 -0.62
C LEU A 38 4.52 -6.97 -1.14
N LEU A 39 4.59 -7.74 -2.24
CA LEU A 39 3.42 -8.38 -2.82
C LEU A 39 2.80 -9.38 -1.85
N GLU A 40 3.63 -9.98 -1.01
CA GLU A 40 3.22 -10.94 0.00
C GLU A 40 2.47 -10.21 1.11
N GLU A 41 3.13 -9.28 1.78
CA GLU A 41 2.56 -8.54 2.89
C GLU A 41 1.31 -7.76 2.47
N TRP A 42 1.30 -7.22 1.26
CA TRP A 42 0.18 -6.48 0.74
C TRP A 42 -1.07 -7.32 0.65
N LYS A 43 -0.96 -8.60 0.30
CA LYS A 43 -2.09 -9.52 0.21
C LYS A 43 -2.45 -10.04 1.61
N GLN A 44 -1.48 -10.12 2.53
CA GLN A 44 -1.68 -10.58 3.89
C GLN A 44 -2.51 -9.54 4.64
N HIS A 45 -2.06 -8.29 4.67
CA HIS A 45 -2.69 -7.15 5.33
C HIS A 45 -3.56 -6.35 4.36
N LYS A 46 -4.04 -6.95 3.27
CA LYS A 46 -4.84 -6.24 2.26
C LYS A 46 -6.05 -5.58 2.84
N GLN A 47 -6.72 -6.24 3.78
CA GLN A 47 -7.93 -5.71 4.38
C GLN A 47 -7.69 -4.37 5.06
N GLU A 48 -6.73 -4.34 5.98
CA GLU A 48 -6.41 -3.13 6.72
C GLU A 48 -5.73 -2.12 5.80
N LEU A 49 -4.92 -2.58 4.84
CA LEU A 49 -4.24 -1.70 3.90
C LEU A 49 -5.27 -0.92 3.10
N ILE A 50 -6.33 -1.58 2.65
CA ILE A 50 -7.39 -0.95 1.89
C ILE A 50 -8.08 0.05 2.79
N ASP A 51 -8.54 -0.39 3.95
CA ASP A 51 -9.26 0.42 4.93
C ASP A 51 -8.51 1.70 5.28
N PHE A 52 -7.19 1.61 5.40
CA PHE A 52 -6.28 2.70 5.72
C PHE A 52 -5.98 3.58 4.49
N LEU A 53 -5.80 2.97 3.32
CA LEU A 53 -5.47 3.73 2.11
C LEU A 53 -6.69 4.40 1.48
N THR A 54 -7.88 3.88 1.72
CA THR A 54 -9.11 4.42 1.17
C THR A 54 -9.66 5.53 2.07
N GLN A 55 -9.39 5.48 3.38
CA GLN A 55 -9.87 6.53 4.26
C GLN A 55 -9.02 7.79 4.04
N LEU A 56 -7.74 7.62 3.70
CA LEU A 56 -6.84 8.74 3.47
C LEU A 56 -7.19 9.40 2.14
N GLU A 57 -7.55 8.60 1.13
CA GLU A 57 -7.95 9.07 -0.20
C GLU A 57 -9.21 9.96 -0.13
N SER A 58 -9.90 9.94 1.01
CA SER A 58 -11.10 10.71 1.26
C SER A 58 -10.82 12.04 1.96
N GLU A 59 -9.67 12.17 2.62
CA GLU A 59 -9.24 13.33 3.40
C GLU A 59 -7.98 14.01 2.81
N GLU A 60 -7.44 14.97 3.55
CA GLU A 60 -6.26 15.76 3.21
C GLU A 60 -5.42 15.91 4.50
N GLU A 61 -5.12 14.81 5.18
CA GLU A 61 -4.30 14.87 6.40
C GLU A 61 -2.81 15.00 6.02
N SER A 62 -2.49 14.69 4.76
CA SER A 62 -1.17 14.75 4.17
C SER A 62 -0.88 16.19 3.79
N MET A 1 2.09 -7.36 14.90
CA MET A 1 3.48 -7.21 14.42
C MET A 1 3.60 -5.87 13.70
N LYS A 2 2.97 -5.74 12.53
CA LYS A 2 2.99 -4.51 11.73
C LYS A 2 1.57 -4.10 11.41
N ASN A 3 1.38 -2.97 10.73
CA ASN A 3 0.07 -2.43 10.36
C ASN A 3 0.12 -1.88 8.93
N ALA A 4 -1.03 -1.48 8.38
CA ALA A 4 -1.15 -0.94 7.04
C ALA A 4 -0.12 0.16 6.78
N ALA A 5 -0.04 1.18 7.64
CA ALA A 5 0.91 2.27 7.46
C ALA A 5 2.36 1.79 7.45
N LYS A 6 2.65 0.72 8.20
CA LYS A 6 3.98 0.15 8.31
C LYS A 6 4.45 -0.28 6.94
N ILE A 7 3.69 -1.12 6.24
CA ILE A 7 4.07 -1.61 4.92
C ILE A 7 4.07 -0.45 3.92
N VAL A 8 3.16 0.51 4.09
CA VAL A 8 3.10 1.67 3.21
C VAL A 8 4.43 2.42 3.31
N ASN A 9 4.88 2.76 4.52
CA ASN A 9 6.14 3.48 4.73
C ASN A 9 7.29 2.79 4.03
N GLU A 10 7.32 1.45 4.05
CA GLU A 10 8.38 0.72 3.40
C GLU A 10 8.23 0.87 1.88
N ALA A 11 7.00 0.76 1.36
CA ALA A 11 6.76 0.87 -0.07
C ALA A 11 7.26 2.24 -0.55
N LEU A 12 6.84 3.32 0.10
CA LEU A 12 7.22 4.67 -0.28
C LEU A 12 8.74 4.82 -0.28
N ASN A 13 9.43 4.27 0.72
CA ASN A 13 10.89 4.35 0.82
C ASN A 13 11.54 3.66 -0.38
N GLN A 14 11.01 2.52 -0.82
CA GLN A 14 11.57 1.81 -1.97
C GLN A 14 11.11 2.45 -3.30
N GLY A 15 10.27 3.47 -3.25
CA GLY A 15 9.77 4.19 -4.40
C GLY A 15 8.51 3.54 -4.97
N ILE A 16 7.60 3.13 -4.09
CA ILE A 16 6.35 2.48 -4.47
C ILE A 16 5.22 3.13 -3.70
N THR A 17 4.24 3.65 -4.42
CA THR A 17 3.07 4.31 -3.89
C THR A 17 1.97 3.26 -3.77
N LEU A 18 1.44 3.03 -2.57
CA LEU A 18 0.35 2.09 -2.39
C LEU A 18 -0.91 2.93 -2.45
N PHE A 19 -1.90 2.49 -3.23
CA PHE A 19 -3.16 3.19 -3.38
C PHE A 19 -4.24 2.16 -3.66
N VAL A 20 -5.48 2.37 -3.27
CA VAL A 20 -6.54 1.41 -3.54
C VAL A 20 -7.30 1.95 -4.74
N SER A 21 -7.75 1.02 -5.57
CA SER A 21 -8.51 1.28 -6.76
C SER A 21 -9.56 0.19 -6.78
N ASP A 22 -10.83 0.59 -6.83
CA ASP A 22 -11.97 -0.32 -6.88
C ASP A 22 -11.96 -1.31 -5.72
N ASN A 23 -11.78 -0.74 -4.53
CA ASN A 23 -11.73 -1.44 -3.25
C ASN A 23 -10.71 -2.57 -3.27
N LYS A 24 -9.63 -2.34 -4.02
CA LYS A 24 -8.59 -3.29 -4.16
C LYS A 24 -7.26 -2.61 -4.05
N LEU A 25 -6.46 -3.10 -3.11
CA LEU A 25 -5.13 -2.60 -2.87
C LEU A 25 -4.36 -2.72 -4.17
N LYS A 26 -3.79 -1.61 -4.61
CA LYS A 26 -3.00 -1.49 -5.80
C LYS A 26 -1.66 -0.90 -5.36
N TYR A 27 -0.65 -1.06 -6.21
CA TYR A 27 0.69 -0.54 -5.96
C TYR A 27 1.07 0.17 -7.26
N LYS A 28 1.80 1.27 -7.17
CA LYS A 28 2.22 2.08 -8.29
C LYS A 28 3.69 2.37 -8.10
N THR A 29 4.49 2.30 -9.16
CA THR A 29 5.92 2.55 -9.09
C THR A 29 6.40 2.77 -10.53
N ASN A 30 7.69 3.06 -10.70
CA ASN A 30 8.33 3.30 -11.99
C ASN A 30 9.40 2.22 -12.27
N ARG A 31 9.47 1.19 -11.44
CA ARG A 31 10.37 0.05 -11.54
C ARG A 31 9.51 -1.18 -11.35
N ASP A 32 9.98 -2.34 -11.76
CA ASP A 32 9.20 -3.57 -11.62
C ASP A 32 9.97 -4.62 -10.85
N SER A 33 11.24 -4.36 -10.53
CA SER A 33 12.08 -5.31 -9.79
C SER A 33 11.81 -5.17 -8.27
N ILE A 34 10.53 -5.05 -7.90
CA ILE A 34 10.13 -4.91 -6.51
C ILE A 34 10.30 -6.27 -5.79
N PRO A 35 10.57 -6.26 -4.48
CA PRO A 35 10.74 -7.48 -3.70
C PRO A 35 9.42 -8.21 -3.47
N SER A 36 9.48 -9.54 -3.53
CA SER A 36 8.37 -10.46 -3.32
C SER A 36 7.68 -10.25 -1.97
N GLU A 37 8.45 -9.79 -0.98
CA GLU A 37 7.98 -9.54 0.37
C GLU A 37 6.81 -8.57 0.37
N LEU A 38 6.84 -7.57 -0.52
CA LEU A 38 5.79 -6.58 -0.62
C LEU A 38 4.52 -7.25 -1.12
N LEU A 39 4.59 -8.06 -2.18
CA LEU A 39 3.42 -8.74 -2.74
C LEU A 39 2.72 -9.58 -1.68
N GLU A 40 3.50 -10.30 -0.87
CA GLU A 40 2.99 -11.17 0.17
C GLU A 40 2.49 -10.38 1.38
N GLU A 41 3.22 -9.36 1.84
CA GLU A 41 2.80 -8.56 2.99
C GLU A 41 1.53 -7.80 2.62
N TRP A 42 1.47 -7.29 1.38
CA TRP A 42 0.32 -6.56 0.88
C TRP A 42 -0.87 -7.50 0.89
N LYS A 43 -0.75 -8.75 0.46
CA LYS A 43 -1.85 -9.72 0.45
C LYS A 43 -2.26 -10.13 1.87
N GLN A 44 -1.29 -10.21 2.77
CA GLN A 44 -1.48 -10.56 4.18
C GLN A 44 -2.31 -9.48 4.86
N HIS A 45 -1.91 -8.21 4.69
CA HIS A 45 -2.58 -7.07 5.30
C HIS A 45 -3.48 -6.32 4.31
N LYS A 46 -3.89 -6.92 3.18
CA LYS A 46 -4.69 -6.25 2.16
C LYS A 46 -5.94 -5.62 2.70
N GLN A 47 -6.62 -6.33 3.59
CA GLN A 47 -7.85 -5.87 4.16
C GLN A 47 -7.68 -4.59 4.99
N GLU A 48 -6.63 -4.54 5.79
CA GLU A 48 -6.34 -3.38 6.63
C GLU A 48 -5.79 -2.25 5.74
N LEU A 49 -4.93 -2.61 4.79
CA LEU A 49 -4.30 -1.69 3.85
C LEU A 49 -5.34 -0.93 3.05
N ILE A 50 -6.38 -1.60 2.57
CA ILE A 50 -7.44 -1.00 1.78
C ILE A 50 -8.15 0.00 2.67
N ASP A 51 -8.63 -0.41 3.85
CA ASP A 51 -9.34 0.50 4.75
C ASP A 51 -8.53 1.75 5.12
N PHE A 52 -7.24 1.57 5.41
CA PHE A 52 -6.32 2.63 5.80
C PHE A 52 -5.95 3.55 4.65
N LEU A 53 -5.86 3.01 3.44
CA LEU A 53 -5.50 3.81 2.28
C LEU A 53 -6.71 4.50 1.68
N THR A 54 -7.85 3.82 1.60
CA THR A 54 -9.08 4.38 1.05
C THR A 54 -9.59 5.50 1.94
N GLN A 55 -9.38 5.43 3.26
CA GLN A 55 -9.83 6.48 4.14
C GLN A 55 -8.92 7.70 3.98
N LEU A 56 -7.69 7.49 3.50
CA LEU A 56 -6.72 8.55 3.27
C LEU A 56 -7.08 9.17 1.92
N GLU A 57 -7.53 8.37 0.94
CA GLU A 57 -7.96 8.82 -0.39
C GLU A 57 -9.13 9.83 -0.23
N SER A 58 -9.81 9.85 0.92
CA SER A 58 -10.90 10.76 1.23
C SER A 58 -10.41 12.17 1.57
N GLU A 59 -9.14 12.30 1.96
CA GLU A 59 -8.47 13.52 2.38
C GLU A 59 -7.48 13.95 1.31
N GLU A 60 -7.50 15.22 0.90
CA GLU A 60 -6.60 15.77 -0.10
C GLU A 60 -5.71 16.82 0.55
N GLU A 61 -6.23 17.65 1.45
CA GLU A 61 -5.48 18.69 2.14
C GLU A 61 -5.88 18.64 3.60
N SER A 62 -4.92 18.41 4.51
CA SER A 62 -5.17 18.35 5.94
C SER A 62 -5.43 19.76 6.45
N MET A 1 4.84 -7.30 14.65
CA MET A 1 3.49 -6.74 14.50
C MET A 1 3.59 -5.39 13.81
N LYS A 2 2.85 -5.21 12.72
CA LYS A 2 2.83 -3.97 11.94
C LYS A 2 1.38 -3.51 11.77
N ASN A 3 1.16 -2.50 10.94
CA ASN A 3 -0.14 -1.92 10.60
C ASN A 3 -0.09 -1.50 9.14
N ALA A 4 -1.23 -1.10 8.56
CA ALA A 4 -1.32 -0.69 7.17
C ALA A 4 -0.25 0.34 6.78
N ALA A 5 -0.10 1.43 7.53
CA ALA A 5 0.88 2.48 7.23
C ALA A 5 2.32 1.99 7.32
N LYS A 6 2.59 1.01 8.18
CA LYS A 6 3.93 0.47 8.35
C LYS A 6 4.40 -0.09 7.01
N ILE A 7 3.56 -0.88 6.35
CA ILE A 7 3.90 -1.48 5.07
C ILE A 7 3.99 -0.36 4.03
N VAL A 8 3.07 0.61 4.04
CA VAL A 8 3.08 1.73 3.11
C VAL A 8 4.43 2.46 3.17
N ASN A 9 4.88 2.86 4.36
CA ASN A 9 6.16 3.56 4.53
C ASN A 9 7.32 2.76 3.94
N GLU A 10 7.30 1.43 4.07
CA GLU A 10 8.36 0.59 3.52
C GLU A 10 8.27 0.61 2.00
N ALA A 11 7.05 0.59 1.43
CA ALA A 11 6.84 0.62 -0.01
C ALA A 11 7.41 1.93 -0.53
N LEU A 12 7.08 3.05 0.10
CA LEU A 12 7.54 4.38 -0.30
C LEU A 12 9.06 4.45 -0.33
N ASN A 13 9.73 3.84 0.65
CA ASN A 13 11.20 3.84 0.69
C ASN A 13 11.73 3.14 -0.56
N GLN A 14 11.12 2.02 -0.94
CA GLN A 14 11.51 1.27 -2.15
C GLN A 14 11.01 1.99 -3.43
N GLY A 15 10.37 3.16 -3.30
CA GLY A 15 9.85 3.96 -4.38
C GLY A 15 8.53 3.45 -4.91
N ILE A 16 7.68 2.91 -4.04
CA ILE A 16 6.40 2.34 -4.42
C ILE A 16 5.28 3.00 -3.64
N THR A 17 4.24 3.43 -4.34
CA THR A 17 3.08 4.08 -3.78
C THR A 17 1.97 3.06 -3.62
N LEU A 18 1.48 2.84 -2.40
CA LEU A 18 0.37 1.92 -2.19
C LEU A 18 -0.85 2.81 -2.24
N PHE A 19 -1.77 2.53 -3.15
CA PHE A 19 -3.02 3.27 -3.33
C PHE A 19 -4.02 2.20 -3.70
N VAL A 20 -5.29 2.31 -3.37
CA VAL A 20 -6.29 1.32 -3.70
C VAL A 20 -7.12 1.88 -4.87
N SER A 21 -7.63 0.97 -5.67
CA SER A 21 -8.47 1.23 -6.82
C SER A 21 -9.53 0.14 -6.78
N ASP A 22 -10.81 0.50 -6.97
CA ASP A 22 -11.96 -0.40 -6.98
C ASP A 22 -12.07 -1.23 -5.71
N ASN A 23 -11.70 -0.63 -4.58
CA ASN A 23 -11.72 -1.26 -3.26
C ASN A 23 -10.78 -2.46 -3.25
N LYS A 24 -9.67 -2.35 -3.97
CA LYS A 24 -8.66 -3.38 -4.09
C LYS A 24 -7.32 -2.70 -3.96
N LEU A 25 -6.52 -3.19 -3.02
CA LEU A 25 -5.19 -2.68 -2.75
C LEU A 25 -4.37 -2.67 -4.01
N LYS A 26 -4.07 -1.48 -4.50
CA LYS A 26 -3.24 -1.33 -5.68
C LYS A 26 -1.86 -0.87 -5.21
N TYR A 27 -0.90 -0.78 -6.13
CA TYR A 27 0.46 -0.33 -5.87
C TYR A 27 0.93 0.32 -7.18
N LYS A 28 1.85 1.29 -7.09
CA LYS A 28 2.39 2.04 -8.23
C LYS A 28 3.90 2.17 -8.11
N THR A 29 4.62 2.04 -9.21
CA THR A 29 6.07 2.12 -9.27
C THR A 29 6.47 2.35 -10.73
N ASN A 30 7.73 2.69 -10.95
CA ASN A 30 8.35 2.92 -12.25
C ASN A 30 9.34 1.79 -12.56
N ARG A 31 9.48 0.80 -11.65
CA ARG A 31 10.36 -0.35 -11.76
C ARG A 31 9.56 -1.61 -11.44
N ASP A 32 9.94 -2.73 -12.05
CA ASP A 32 9.31 -4.04 -11.85
C ASP A 32 10.14 -4.92 -10.92
N SER A 33 11.37 -4.49 -10.59
CA SER A 33 12.35 -5.16 -9.74
C SER A 33 12.05 -5.12 -8.24
N ILE A 34 10.87 -4.63 -7.85
CA ILE A 34 10.43 -4.49 -6.47
C ILE A 34 10.61 -5.79 -5.66
N PRO A 35 10.78 -5.70 -4.33
CA PRO A 35 10.97 -6.86 -3.48
C PRO A 35 9.69 -7.68 -3.42
N SER A 36 9.84 -8.99 -3.59
CA SER A 36 8.75 -9.95 -3.57
C SER A 36 7.97 -9.90 -2.26
N GLU A 37 8.61 -9.48 -1.16
CA GLU A 37 8.02 -9.38 0.15
C GLU A 37 6.85 -8.38 0.18
N LEU A 38 6.89 -7.36 -0.68
CA LEU A 38 5.84 -6.36 -0.72
C LEU A 38 4.55 -7.00 -1.17
N LEU A 39 4.56 -7.73 -2.27
CA LEU A 39 3.37 -8.39 -2.79
C LEU A 39 2.80 -9.36 -1.76
N GLU A 40 3.67 -9.97 -0.97
CA GLU A 40 3.31 -10.92 0.07
C GLU A 40 2.63 -10.19 1.24
N GLU A 41 3.31 -9.21 1.84
CA GLU A 41 2.79 -8.46 2.97
C GLU A 41 1.48 -7.75 2.58
N TRP A 42 1.44 -7.21 1.36
CA TRP A 42 0.28 -6.53 0.86
C TRP A 42 -0.91 -7.46 0.78
N LYS A 43 -0.72 -8.72 0.35
CA LYS A 43 -1.81 -9.68 0.27
C LYS A 43 -2.26 -10.08 1.67
N GLN A 44 -1.30 -10.32 2.56
CA GLN A 44 -1.56 -10.73 3.93
C GLN A 44 -2.42 -9.67 4.62
N HIS A 45 -2.04 -8.40 4.47
CA HIS A 45 -2.70 -7.27 5.10
C HIS A 45 -3.54 -6.45 4.11
N LYS A 46 -4.02 -7.06 3.04
CA LYS A 46 -4.80 -6.37 2.00
C LYS A 46 -6.05 -5.73 2.56
N GLN A 47 -6.70 -6.35 3.54
CA GLN A 47 -7.93 -5.82 4.10
C GLN A 47 -7.69 -4.53 4.85
N GLU A 48 -6.74 -4.53 5.80
CA GLU A 48 -6.44 -3.34 6.59
C GLU A 48 -5.77 -2.27 5.73
N LEU A 49 -4.95 -2.69 4.74
CA LEU A 49 -4.29 -1.74 3.86
C LEU A 49 -5.31 -0.93 3.08
N ILE A 50 -6.39 -1.57 2.64
CA ILE A 50 -7.42 -0.90 1.86
C ILE A 50 -8.16 0.05 2.76
N ASP A 51 -8.63 -0.43 3.91
CA ASP A 51 -9.38 0.33 4.90
C ASP A 51 -8.67 1.64 5.23
N PHE A 52 -7.36 1.57 5.45
CA PHE A 52 -6.55 2.71 5.78
C PHE A 52 -6.31 3.60 4.56
N LEU A 53 -5.95 2.99 3.43
CA LEU A 53 -5.64 3.76 2.24
C LEU A 53 -6.84 4.45 1.61
N THR A 54 -8.03 3.90 1.78
CA THR A 54 -9.24 4.46 1.23
C THR A 54 -9.83 5.49 2.16
N GLN A 55 -9.76 5.29 3.48
CA GLN A 55 -10.33 6.30 4.37
C GLN A 55 -9.49 7.58 4.30
N LEU A 56 -8.18 7.44 4.04
CA LEU A 56 -7.26 8.55 3.94
C LEU A 56 -7.32 9.20 2.56
N GLU A 57 -7.77 8.46 1.54
CA GLU A 57 -7.88 8.96 0.16
C GLU A 57 -8.70 10.25 0.10
N SER A 58 -9.78 10.33 0.87
CA SER A 58 -10.60 11.54 0.88
C SER A 58 -9.89 12.76 1.48
N GLU A 59 -8.83 12.53 2.25
CA GLU A 59 -8.02 13.53 2.93
C GLU A 59 -6.83 13.99 2.09
N GLU A 60 -6.74 13.48 0.86
CA GLU A 60 -5.70 13.76 -0.13
C GLU A 60 -6.28 14.54 -1.32
N GLU A 61 -7.37 15.26 -1.12
CA GLU A 61 -8.10 16.06 -2.07
C GLU A 61 -8.82 17.17 -1.29
N SER A 62 -9.34 18.16 -2.00
CA SER A 62 -10.05 19.33 -1.49
C SER A 62 -11.15 19.75 -2.45
N MET A 1 3.74 -7.43 15.34
CA MET A 1 2.70 -7.41 14.30
C MET A 1 2.81 -6.10 13.52
N LYS A 2 2.75 -6.15 12.19
CA LYS A 2 2.79 -4.92 11.38
C LYS A 2 1.34 -4.46 11.22
N ASN A 3 1.14 -3.35 10.53
CA ASN A 3 -0.16 -2.78 10.24
C ASN A 3 -0.09 -2.10 8.88
N ALA A 4 -1.25 -1.75 8.32
CA ALA A 4 -1.38 -1.09 7.02
C ALA A 4 -0.33 0.02 6.77
N ALA A 5 -0.23 0.99 7.67
CA ALA A 5 0.71 2.10 7.52
C ALA A 5 2.16 1.61 7.50
N LYS A 6 2.47 0.57 8.28
CA LYS A 6 3.81 0.00 8.37
C LYS A 6 4.30 -0.40 6.98
N ILE A 7 3.49 -1.14 6.24
CA ILE A 7 3.85 -1.61 4.91
C ILE A 7 3.91 -0.43 3.93
N VAL A 8 2.97 0.51 4.01
CA VAL A 8 2.94 1.69 3.14
C VAL A 8 4.26 2.42 3.17
N ASN A 9 4.75 2.75 4.36
CA ASN A 9 6.01 3.47 4.56
C ASN A 9 7.19 2.74 3.91
N GLU A 10 7.22 1.41 3.99
CA GLU A 10 8.30 0.64 3.40
C GLU A 10 8.17 0.65 1.88
N ALA A 11 6.95 0.67 1.35
CA ALA A 11 6.77 0.70 -0.08
C ALA A 11 7.38 2.02 -0.57
N LEU A 12 7.09 3.13 0.12
CA LEU A 12 7.62 4.43 -0.25
C LEU A 12 9.16 4.40 -0.22
N ASN A 13 9.76 3.70 0.75
CA ASN A 13 11.21 3.60 0.87
C ASN A 13 11.80 2.98 -0.38
N GLN A 14 11.18 1.92 -0.87
CA GLN A 14 11.61 1.19 -2.06
C GLN A 14 11.21 1.95 -3.34
N GLY A 15 10.57 3.11 -3.21
CA GLY A 15 10.15 3.94 -4.32
C GLY A 15 8.88 3.43 -4.96
N ILE A 16 7.90 3.06 -4.13
CA ILE A 16 6.60 2.54 -4.53
C ILE A 16 5.52 3.37 -3.87
N THR A 17 4.30 3.38 -4.40
CA THR A 17 3.17 4.12 -3.90
C THR A 17 1.99 3.15 -3.82
N LEU A 18 1.47 2.90 -2.63
CA LEU A 18 0.32 2.03 -2.45
C LEU A 18 -0.90 2.94 -2.59
N PHE A 19 -1.91 2.47 -3.30
CA PHE A 19 -3.17 3.18 -3.54
C PHE A 19 -4.18 2.09 -3.79
N VAL A 20 -5.44 2.25 -3.46
CA VAL A 20 -6.45 1.22 -3.71
C VAL A 20 -7.33 1.71 -4.86
N SER A 21 -7.74 0.76 -5.69
CA SER A 21 -8.59 0.98 -6.84
C SER A 21 -9.57 -0.20 -6.85
N ASP A 22 -10.86 0.07 -6.98
CA ASP A 22 -11.94 -0.93 -6.99
C ASP A 22 -11.94 -1.77 -5.73
N ASN A 23 -11.75 -1.08 -4.60
CA ASN A 23 -11.77 -1.70 -3.27
C ASN A 23 -10.78 -2.85 -3.22
N LYS A 24 -9.66 -2.67 -3.90
CA LYS A 24 -8.60 -3.63 -3.99
C LYS A 24 -7.32 -2.87 -3.82
N LEU A 25 -6.51 -3.33 -2.88
CA LEU A 25 -5.22 -2.77 -2.55
C LEU A 25 -4.35 -2.83 -3.77
N LYS A 26 -4.05 -1.65 -4.32
CA LYS A 26 -3.18 -1.57 -5.50
C LYS A 26 -1.82 -1.01 -5.11
N TYR A 27 -0.87 -1.08 -6.02
CA TYR A 27 0.49 -0.57 -5.85
C TYR A 27 0.89 0.09 -7.17
N LYS A 28 1.72 1.13 -7.13
CA LYS A 28 2.22 1.90 -8.25
C LYS A 28 3.71 2.02 -8.01
N THR A 29 4.47 2.09 -9.08
CA THR A 29 5.92 2.20 -9.04
C THR A 29 6.35 2.60 -10.45
N ASN A 30 7.64 2.84 -10.61
CA ASN A 30 8.31 3.20 -11.86
C ASN A 30 9.28 2.07 -12.25
N ARG A 31 9.39 1.02 -11.42
CA ARG A 31 10.23 -0.16 -11.61
C ARG A 31 9.38 -1.39 -11.39
N ASP A 32 9.78 -2.52 -11.95
CA ASP A 32 9.09 -3.81 -11.82
C ASP A 32 9.91 -4.74 -10.93
N SER A 33 11.15 -4.35 -10.66
CA SER A 33 12.18 -4.97 -9.87
C SER A 33 11.91 -4.82 -8.35
N ILE A 34 10.66 -4.60 -7.93
CA ILE A 34 10.32 -4.46 -6.51
C ILE A 34 10.56 -5.79 -5.77
N PRO A 35 10.82 -5.76 -4.45
CA PRO A 35 11.05 -6.98 -3.67
C PRO A 35 9.75 -7.77 -3.53
N SER A 36 9.84 -9.09 -3.68
CA SER A 36 8.69 -9.98 -3.58
C SER A 36 8.01 -9.87 -2.21
N GLU A 37 8.74 -9.50 -1.16
CA GLU A 37 8.23 -9.36 0.21
C GLU A 37 7.08 -8.36 0.32
N LEU A 38 7.04 -7.39 -0.59
CA LEU A 38 5.99 -6.38 -0.61
C LEU A 38 4.70 -7.03 -1.07
N LEU A 39 4.74 -7.79 -2.16
CA LEU A 39 3.57 -8.46 -2.73
C LEU A 39 2.92 -9.38 -1.70
N GLU A 40 3.73 -9.94 -0.81
CA GLU A 40 3.30 -10.83 0.25
C GLU A 40 2.61 -10.06 1.36
N GLU A 41 3.30 -9.09 1.97
CA GLU A 41 2.72 -8.33 3.07
C GLU A 41 1.49 -7.55 2.63
N TRP A 42 1.47 -7.07 1.38
CA TRP A 42 0.35 -6.34 0.83
C TRP A 42 -0.88 -7.22 0.78
N LYS A 43 -0.72 -8.50 0.45
CA LYS A 43 -1.83 -9.45 0.40
C LYS A 43 -2.24 -9.86 1.80
N GLN A 44 -1.29 -9.94 2.71
CA GLN A 44 -1.51 -10.34 4.10
C GLN A 44 -2.37 -9.30 4.82
N HIS A 45 -2.09 -8.03 4.56
CA HIS A 45 -2.80 -6.90 5.15
C HIS A 45 -3.69 -6.21 4.12
N LYS A 46 -4.05 -6.84 2.99
CA LYS A 46 -4.87 -6.21 1.94
C LYS A 46 -6.11 -5.52 2.48
N GLN A 47 -6.83 -6.17 3.37
CA GLN A 47 -8.05 -5.63 3.93
C GLN A 47 -7.79 -4.34 4.72
N GLU A 48 -6.83 -4.38 5.63
CA GLU A 48 -6.45 -3.27 6.49
C GLU A 48 -5.86 -2.13 5.67
N LEU A 49 -5.03 -2.51 4.70
CA LEU A 49 -4.37 -1.61 3.78
C LEU A 49 -5.42 -0.82 3.03
N ILE A 50 -6.50 -1.45 2.59
CA ILE A 50 -7.57 -0.80 1.86
C ILE A 50 -8.20 0.23 2.77
N ASP A 51 -8.58 -0.16 3.99
CA ASP A 51 -9.22 0.72 4.95
C ASP A 51 -8.38 1.96 5.24
N PHE A 52 -7.07 1.78 5.42
CA PHE A 52 -6.15 2.87 5.71
C PHE A 52 -5.90 3.73 4.47
N LEU A 53 -5.74 3.11 3.30
CA LEU A 53 -5.47 3.84 2.08
C LEU A 53 -6.69 4.54 1.51
N THR A 54 -7.89 4.06 1.83
CA THR A 54 -9.11 4.67 1.34
C THR A 54 -9.60 5.74 2.29
N GLN A 55 -9.37 5.58 3.60
CA GLN A 55 -9.83 6.61 4.52
C GLN A 55 -9.05 7.89 4.28
N LEU A 56 -7.78 7.75 3.90
CA LEU A 56 -6.92 8.88 3.63
C LEU A 56 -7.30 9.52 2.30
N GLU A 57 -7.70 8.71 1.30
CA GLU A 57 -8.09 9.20 -0.03
C GLU A 57 -9.41 10.01 0.05
N SER A 58 -10.04 10.09 1.23
CA SER A 58 -11.27 10.83 1.50
C SER A 58 -10.96 12.08 2.34
N GLU A 59 -9.81 12.10 3.02
CA GLU A 59 -9.35 13.20 3.86
C GLU A 59 -8.37 14.09 3.09
N GLU A 60 -8.19 15.31 3.59
CA GLU A 60 -7.34 16.32 2.97
C GLU A 60 -6.19 16.79 3.87
N GLU A 61 -5.87 16.02 4.91
CA GLU A 61 -4.81 16.29 5.86
C GLU A 61 -4.26 14.93 6.33
N SER A 62 -3.28 14.99 7.21
CA SER A 62 -2.55 13.89 7.83
C SER A 62 -2.23 14.33 9.25
N MET A 1 3.99 -7.98 13.99
CA MET A 1 2.86 -7.14 14.47
C MET A 1 2.95 -5.78 13.81
N LYS A 2 2.28 -5.57 12.69
CA LYS A 2 2.30 -4.31 11.94
C LYS A 2 0.91 -3.84 11.57
N ASN A 3 0.86 -2.63 11.03
CA ASN A 3 -0.36 -1.96 10.57
C ASN A 3 -0.18 -1.58 9.12
N ALA A 4 -1.26 -1.18 8.46
CA ALA A 4 -1.28 -0.78 7.06
C ALA A 4 -0.20 0.25 6.74
N ALA A 5 -0.10 1.32 7.52
CA ALA A 5 0.88 2.38 7.28
C ALA A 5 2.32 1.86 7.39
N LYS A 6 2.55 0.85 8.24
CA LYS A 6 3.88 0.26 8.43
C LYS A 6 4.34 -0.24 7.07
N ILE A 7 3.48 -0.95 6.37
CA ILE A 7 3.78 -1.51 5.05
C ILE A 7 3.89 -0.35 4.04
N VAL A 8 2.97 0.61 4.04
CA VAL A 8 3.00 1.75 3.11
C VAL A 8 4.35 2.46 3.17
N ASN A 9 4.84 2.79 4.38
CA ASN A 9 6.12 3.47 4.55
C ASN A 9 7.27 2.68 3.93
N GLU A 10 7.20 1.34 3.99
CA GLU A 10 8.24 0.50 3.39
C GLU A 10 8.15 0.57 1.87
N ALA A 11 6.93 0.63 1.31
CA ALA A 11 6.72 0.71 -0.13
C ALA A 11 7.33 2.01 -0.67
N LEU A 12 7.01 3.14 -0.04
CA LEU A 12 7.51 4.44 -0.48
C LEU A 12 9.03 4.46 -0.55
N ASN A 13 9.71 3.87 0.45
CA ASN A 13 11.17 3.83 0.48
C ASN A 13 11.71 3.07 -0.72
N GLN A 14 11.07 1.97 -1.11
CA GLN A 14 11.47 1.18 -2.28
C GLN A 14 10.98 1.86 -3.57
N GLY A 15 10.46 3.09 -3.52
CA GLY A 15 9.98 3.82 -4.67
C GLY A 15 8.68 3.27 -5.21
N ILE A 16 7.77 2.91 -4.32
CA ILE A 16 6.48 2.35 -4.67
C ILE A 16 5.42 3.26 -4.03
N THR A 17 4.16 3.09 -4.39
CA THR A 17 3.03 3.86 -3.90
C THR A 17 1.91 2.85 -3.70
N LEU A 18 1.46 2.66 -2.47
CA LEU A 18 0.35 1.76 -2.21
C LEU A 18 -0.85 2.68 -2.23
N PHE A 19 -1.78 2.41 -3.12
CA PHE A 19 -3.01 3.15 -3.31
C PHE A 19 -4.03 2.08 -3.61
N VAL A 20 -5.30 2.25 -3.32
CA VAL A 20 -6.28 1.24 -3.64
C VAL A 20 -7.06 1.79 -4.84
N SER A 21 -7.48 0.88 -5.70
CA SER A 21 -8.26 1.18 -6.87
C SER A 21 -9.39 0.17 -6.89
N ASP A 22 -10.61 0.66 -6.97
CA ASP A 22 -11.85 -0.10 -6.99
C ASP A 22 -11.96 -0.98 -5.75
N ASN A 23 -11.61 -0.42 -4.59
CA ASN A 23 -11.67 -1.09 -3.29
C ASN A 23 -10.79 -2.32 -3.23
N LYS A 24 -9.67 -2.31 -3.95
CA LYS A 24 -8.71 -3.38 -4.01
C LYS A 24 -7.33 -2.75 -3.84
N LEU A 25 -6.57 -3.27 -2.88
CA LEU A 25 -5.23 -2.80 -2.55
C LEU A 25 -4.38 -2.85 -3.79
N LYS A 26 -4.04 -1.67 -4.26
CA LYS A 26 -3.23 -1.54 -5.47
C LYS A 26 -1.82 -1.06 -5.10
N TYR A 27 -0.91 -1.12 -6.06
CA TYR A 27 0.46 -0.67 -5.91
C TYR A 27 0.86 -0.04 -7.26
N LYS A 28 1.64 1.02 -7.19
CA LYS A 28 2.18 1.83 -8.27
C LYS A 28 3.67 1.97 -8.02
N THR A 29 4.47 2.20 -9.05
CA THR A 29 5.91 2.37 -8.97
C THR A 29 6.35 2.78 -10.39
N ASN A 30 7.67 2.77 -10.63
CA ASN A 30 8.32 3.11 -11.90
C ASN A 30 9.33 2.02 -12.26
N ARG A 31 9.48 0.99 -11.41
CA ARG A 31 10.37 -0.16 -11.57
C ARG A 31 9.53 -1.41 -11.40
N ASP A 32 10.12 -2.59 -11.64
CA ASP A 32 9.43 -3.88 -11.50
C ASP A 32 10.32 -4.88 -10.73
N SER A 33 11.57 -4.48 -10.47
CA SER A 33 12.55 -5.29 -9.75
C SER A 33 12.39 -5.01 -8.24
N ILE A 34 11.14 -4.95 -7.79
CA ILE A 34 10.77 -4.69 -6.40
C ILE A 34 10.92 -5.97 -5.58
N PRO A 35 11.07 -5.87 -4.24
CA PRO A 35 11.21 -7.04 -3.39
C PRO A 35 9.88 -7.79 -3.36
N SER A 36 9.92 -9.07 -3.68
CA SER A 36 8.76 -9.95 -3.73
C SER A 36 7.98 -9.96 -2.41
N GLU A 37 8.63 -9.62 -1.28
CA GLU A 37 8.03 -9.57 0.04
C GLU A 37 6.91 -8.55 0.12
N LEU A 38 6.99 -7.47 -0.66
CA LEU A 38 5.98 -6.42 -0.68
C LEU A 38 4.69 -7.04 -1.18
N LEU A 39 4.72 -7.70 -2.33
CA LEU A 39 3.57 -8.34 -2.93
C LEU A 39 2.94 -9.34 -1.95
N GLU A 40 3.75 -10.02 -1.15
CA GLU A 40 3.29 -10.99 -0.18
C GLU A 40 2.60 -10.28 0.99
N GLU A 41 3.29 -9.34 1.65
CA GLU A 41 2.76 -8.59 2.79
C GLU A 41 1.51 -7.80 2.44
N TRP A 42 1.48 -7.27 1.21
CA TRP A 42 0.37 -6.50 0.71
C TRP A 42 -0.90 -7.33 0.67
N LYS A 43 -0.80 -8.62 0.37
CA LYS A 43 -1.95 -9.56 0.30
C LYS A 43 -2.34 -9.97 1.71
N GLN A 44 -1.35 -10.11 2.57
CA GLN A 44 -1.51 -10.51 3.95
C GLN A 44 -2.36 -9.47 4.67
N HIS A 45 -1.91 -8.22 4.66
CA HIS A 45 -2.59 -7.12 5.33
C HIS A 45 -3.47 -6.30 4.36
N LYS A 46 -3.84 -6.87 3.21
CA LYS A 46 -4.64 -6.19 2.18
C LYS A 46 -5.90 -5.55 2.72
N GLN A 47 -6.56 -6.27 3.62
CA GLN A 47 -7.78 -5.87 4.23
C GLN A 47 -7.63 -4.53 4.93
N GLU A 48 -6.66 -4.40 5.82
CA GLU A 48 -6.46 -3.15 6.55
C GLU A 48 -5.86 -2.10 5.62
N LEU A 49 -4.96 -2.54 4.73
CA LEU A 49 -4.31 -1.68 3.75
C LEU A 49 -5.38 -0.90 2.97
N ILE A 50 -6.47 -1.56 2.57
CA ILE A 50 -7.55 -0.92 1.83
C ILE A 50 -8.21 0.10 2.72
N ASP A 51 -8.68 -0.35 3.89
CA ASP A 51 -9.37 0.46 4.87
C ASP A 51 -8.63 1.74 5.23
N PHE A 52 -7.32 1.64 5.39
CA PHE A 52 -6.44 2.75 5.72
C PHE A 52 -6.22 3.64 4.51
N LEU A 53 -5.96 3.04 3.34
CA LEU A 53 -5.69 3.83 2.15
C LEU A 53 -6.93 4.49 1.56
N THR A 54 -8.11 3.96 1.85
CA THR A 54 -9.35 4.51 1.35
C THR A 54 -9.88 5.59 2.28
N GLN A 55 -9.75 5.42 3.60
CA GLN A 55 -10.26 6.41 4.53
C GLN A 55 -9.48 7.70 4.40
N LEU A 56 -8.20 7.60 4.03
CA LEU A 56 -7.34 8.76 3.88
C LEU A 56 -7.66 9.51 2.59
N GLU A 57 -8.15 8.80 1.57
CA GLU A 57 -8.52 9.36 0.27
C GLU A 57 -9.73 10.30 0.39
N SER A 58 -10.56 10.07 1.43
CA SER A 58 -11.74 10.87 1.71
C SER A 58 -11.41 12.27 2.24
N GLU A 59 -10.19 12.48 2.76
CA GLU A 59 -9.71 13.74 3.32
C GLU A 59 -8.59 14.30 2.44
N GLU A 60 -8.37 15.62 2.52
CA GLU A 60 -7.34 16.34 1.78
C GLU A 60 -7.54 16.29 0.25
N GLU A 61 -8.75 15.94 -0.20
CA GLU A 61 -9.10 15.87 -1.60
C GLU A 61 -10.62 16.05 -1.71
N SER A 62 -11.05 16.73 -2.77
CA SER A 62 -12.44 17.03 -3.08
C SER A 62 -12.75 16.40 -4.42
N MET A 1 3.88 -6.94 15.54
CA MET A 1 2.84 -6.90 14.52
C MET A 1 2.88 -5.52 13.88
N LYS A 2 2.76 -5.45 12.55
CA LYS A 2 2.76 -4.18 11.81
C LYS A 2 1.30 -3.80 11.50
N ASN A 3 1.10 -2.69 10.81
CA ASN A 3 -0.21 -2.16 10.42
C ASN A 3 -0.14 -1.71 8.96
N ALA A 4 -1.27 -1.30 8.40
CA ALA A 4 -1.40 -0.82 7.03
C ALA A 4 -0.36 0.25 6.71
N ALA A 5 -0.24 1.27 7.56
CA ALA A 5 0.68 2.39 7.39
C ALA A 5 2.12 1.95 7.31
N LYS A 6 2.48 0.93 8.11
CA LYS A 6 3.83 0.41 8.16
C LYS A 6 4.22 -0.07 6.77
N ILE A 7 3.40 -0.94 6.20
CA ILE A 7 3.63 -1.51 4.88
C ILE A 7 3.65 -0.42 3.81
N VAL A 8 2.78 0.59 3.91
CA VAL A 8 2.74 1.69 2.96
C VAL A 8 4.10 2.39 2.99
N ASN A 9 4.54 2.84 4.17
CA ASN A 9 5.83 3.53 4.34
C ASN A 9 7.01 2.70 3.84
N GLU A 10 6.91 1.37 3.98
CA GLU A 10 7.96 0.47 3.53
C GLU A 10 8.02 0.47 2.01
N ALA A 11 6.86 0.48 1.36
CA ALA A 11 6.75 0.49 -0.09
C ALA A 11 7.30 1.82 -0.61
N LEU A 12 6.90 2.93 0.02
CA LEU A 12 7.34 4.27 -0.37
C LEU A 12 8.86 4.34 -0.34
N ASN A 13 9.49 3.71 0.67
CA ASN A 13 10.94 3.71 0.79
C ASN A 13 11.58 3.08 -0.44
N GLN A 14 11.02 1.99 -0.97
CA GLN A 14 11.54 1.33 -2.18
C GLN A 14 11.08 2.05 -3.46
N GLY A 15 10.35 3.16 -3.35
CA GLY A 15 9.86 3.94 -4.49
C GLY A 15 8.59 3.34 -5.07
N ILE A 16 7.70 2.86 -4.21
CA ILE A 16 6.45 2.23 -4.61
C ILE A 16 5.33 2.90 -3.83
N THR A 17 4.31 3.36 -4.54
CA THR A 17 3.17 4.03 -3.97
C THR A 17 2.02 3.03 -3.83
N LEU A 18 1.48 2.86 -2.63
CA LEU A 18 0.35 1.97 -2.39
C LEU A 18 -0.90 2.85 -2.40
N PHE A 19 -1.91 2.43 -3.13
CA PHE A 19 -3.19 3.12 -3.25
C PHE A 19 -4.25 2.05 -3.52
N VAL A 20 -5.52 2.30 -3.24
CA VAL A 20 -6.59 1.38 -3.51
C VAL A 20 -7.35 1.94 -4.70
N SER A 21 -7.72 1.03 -5.59
CA SER A 21 -8.46 1.32 -6.79
C SER A 21 -9.62 0.36 -6.76
N ASP A 22 -10.82 0.89 -6.81
CA ASP A 22 -12.06 0.13 -6.85
C ASP A 22 -12.14 -0.86 -5.68
N ASN A 23 -11.84 -0.37 -4.46
CA ASN A 23 -11.87 -1.15 -3.21
C ASN A 23 -10.84 -2.27 -3.20
N LYS A 24 -9.80 -2.19 -4.03
CA LYS A 24 -8.78 -3.22 -4.12
C LYS A 24 -7.42 -2.59 -4.00
N LEU A 25 -6.64 -3.08 -3.05
CA LEU A 25 -5.27 -2.63 -2.79
C LEU A 25 -4.49 -2.78 -4.08
N LYS A 26 -3.90 -1.69 -4.52
CA LYS A 26 -3.08 -1.56 -5.71
C LYS A 26 -1.74 -0.98 -5.30
N TYR A 27 -0.80 -1.00 -6.23
CA TYR A 27 0.54 -0.47 -6.03
C TYR A 27 0.98 0.14 -7.36
N LYS A 28 1.71 1.25 -7.31
CA LYS A 28 2.27 2.00 -8.45
C LYS A 28 3.77 2.06 -8.19
N THR A 29 4.59 2.19 -9.22
CA THR A 29 6.04 2.22 -9.04
C THR A 29 6.69 2.72 -10.33
N ASN A 30 7.98 3.03 -10.22
CA ASN A 30 8.86 3.51 -11.27
C ASN A 30 9.75 2.35 -11.76
N ARG A 31 9.66 1.16 -11.14
CA ARG A 31 10.39 -0.05 -11.46
C ARG A 31 9.54 -1.29 -11.25
N ASP A 32 9.84 -2.36 -11.99
CA ASP A 32 9.18 -3.66 -11.93
C ASP A 32 9.93 -4.61 -11.02
N SER A 33 11.20 -4.31 -10.75
CA SER A 33 12.16 -5.03 -9.92
C SER A 33 11.81 -4.87 -8.41
N ILE A 34 10.53 -4.81 -8.07
CA ILE A 34 10.10 -4.66 -6.69
C ILE A 34 10.35 -5.98 -5.93
N PRO A 35 10.65 -5.91 -4.63
CA PRO A 35 10.90 -7.07 -3.81
C PRO A 35 9.59 -7.83 -3.60
N SER A 36 9.59 -9.14 -3.77
CA SER A 36 8.37 -9.92 -3.58
C SER A 36 7.87 -9.90 -2.13
N GLU A 37 8.67 -9.42 -1.17
CA GLU A 37 8.26 -9.30 0.23
C GLU A 37 7.07 -8.34 0.31
N LEU A 38 7.01 -7.36 -0.59
CA LEU A 38 5.95 -6.38 -0.65
C LEU A 38 4.69 -7.12 -1.06
N LEU A 39 4.74 -7.95 -2.10
CA LEU A 39 3.59 -8.72 -2.59
C LEU A 39 3.05 -9.63 -1.48
N GLU A 40 3.93 -10.11 -0.62
CA GLU A 40 3.61 -10.98 0.48
C GLU A 40 2.89 -10.22 1.59
N GLU A 41 3.53 -9.19 2.13
CA GLU A 41 2.96 -8.39 3.22
C GLU A 41 1.68 -7.69 2.74
N TRP A 42 1.63 -7.26 1.47
CA TRP A 42 0.47 -6.60 0.92
C TRP A 42 -0.72 -7.53 0.94
N LYS A 43 -0.60 -8.79 0.52
CA LYS A 43 -1.72 -9.72 0.54
C LYS A 43 -2.04 -10.12 1.98
N GLN A 44 -1.03 -10.23 2.84
CA GLN A 44 -1.22 -10.60 4.24
C GLN A 44 -2.08 -9.57 4.94
N HIS A 45 -1.87 -8.29 4.63
CA HIS A 45 -2.57 -7.18 5.24
C HIS A 45 -3.48 -6.41 4.28
N LYS A 46 -3.85 -6.99 3.14
CA LYS A 46 -4.69 -6.30 2.14
C LYS A 46 -5.98 -5.81 2.74
N GLN A 47 -6.56 -6.56 3.68
CA GLN A 47 -7.81 -6.20 4.30
C GLN A 47 -7.74 -4.91 5.12
N GLU A 48 -6.60 -4.59 5.72
CA GLU A 48 -6.42 -3.37 6.50
C GLU A 48 -5.77 -2.29 5.63
N LEU A 49 -4.95 -2.68 4.66
CA LEU A 49 -4.29 -1.76 3.73
C LEU A 49 -5.33 -0.99 2.93
N ILE A 50 -6.42 -1.63 2.52
CA ILE A 50 -7.49 -1.00 1.75
C ILE A 50 -8.16 0.01 2.67
N ASP A 51 -8.59 -0.44 3.84
CA ASP A 51 -9.28 0.38 4.83
C ASP A 51 -8.53 1.65 5.24
N PHE A 52 -7.24 1.55 5.50
CA PHE A 52 -6.37 2.64 5.90
C PHE A 52 -6.04 3.56 4.73
N LEU A 53 -5.88 3.01 3.53
CA LEU A 53 -5.54 3.83 2.38
C LEU A 53 -6.77 4.55 1.87
N THR A 54 -7.90 3.86 1.74
CA THR A 54 -9.13 4.43 1.23
C THR A 54 -9.65 5.54 2.11
N GLN A 55 -9.41 5.50 3.42
CA GLN A 55 -9.89 6.56 4.30
C GLN A 55 -9.02 7.80 4.12
N LEU A 56 -7.77 7.63 3.67
CA LEU A 56 -6.83 8.71 3.46
C LEU A 56 -7.07 9.30 2.06
N GLU A 57 -7.41 8.46 1.08
CA GLU A 57 -7.69 8.82 -0.31
C GLU A 57 -8.71 9.94 -0.41
N SER A 58 -9.80 9.84 0.36
CA SER A 58 -10.86 10.85 0.35
C SER A 58 -10.37 12.21 0.87
N GLU A 59 -9.36 12.21 1.75
CA GLU A 59 -8.78 13.41 2.33
C GLU A 59 -7.66 13.97 1.45
N GLU A 60 -7.22 13.17 0.48
CA GLU A 60 -6.19 13.49 -0.48
C GLU A 60 -6.89 14.13 -1.68
N GLU A 61 -7.61 13.34 -2.47
CA GLU A 61 -8.34 13.81 -3.64
C GLU A 61 -9.61 12.97 -3.78
N SER A 62 -10.71 13.50 -3.24
CA SER A 62 -12.02 12.87 -3.27
C SER A 62 -12.36 12.56 -4.73
N MET A 1 0.67 -7.05 15.01
CA MET A 1 1.42 -7.30 13.78
C MET A 1 1.60 -6.00 13.02
N LYS A 2 2.46 -5.99 11.99
CA LYS A 2 2.71 -4.81 11.17
C LYS A 2 1.41 -4.34 10.52
N ASN A 3 0.92 -3.22 11.02
CA ASN A 3 -0.29 -2.53 10.62
C ASN A 3 -0.18 -1.99 9.19
N ALA A 4 -1.30 -1.55 8.61
CA ALA A 4 -1.37 -1.03 7.25
C ALA A 4 -0.32 0.06 7.00
N ALA A 5 -0.25 1.10 7.84
CA ALA A 5 0.72 2.17 7.65
C ALA A 5 2.15 1.67 7.68
N LYS A 6 2.42 0.61 8.45
CA LYS A 6 3.75 0.01 8.59
C LYS A 6 4.26 -0.40 7.21
N ILE A 7 3.47 -1.17 6.46
CA ILE A 7 3.88 -1.63 5.13
C ILE A 7 3.91 -0.45 4.15
N VAL A 8 3.01 0.52 4.30
CA VAL A 8 2.97 1.68 3.40
C VAL A 8 4.30 2.40 3.44
N ASN A 9 4.78 2.74 4.63
CA ASN A 9 6.05 3.44 4.81
C ASN A 9 7.20 2.71 4.11
N GLU A 10 7.17 1.38 4.13
CA GLU A 10 8.20 0.57 3.51
C GLU A 10 8.08 0.67 1.99
N ALA A 11 6.85 0.63 1.44
CA ALA A 11 6.63 0.73 0.01
C ALA A 11 7.23 2.04 -0.50
N LEU A 12 6.92 3.15 0.17
CA LEU A 12 7.42 4.46 -0.25
C LEU A 12 8.95 4.44 -0.24
N ASN A 13 9.57 3.79 0.76
CA ASN A 13 11.02 3.68 0.87
C ASN A 13 11.62 3.00 -0.35
N GLN A 14 10.98 1.95 -0.87
CA GLN A 14 11.47 1.25 -2.06
C GLN A 14 11.03 1.95 -3.36
N GLY A 15 10.37 3.10 -3.28
CA GLY A 15 9.90 3.89 -4.40
C GLY A 15 8.59 3.37 -4.96
N ILE A 16 7.66 2.98 -4.07
CA ILE A 16 6.37 2.42 -4.46
C ILE A 16 5.24 3.13 -3.74
N THR A 17 4.26 3.59 -4.49
CA THR A 17 3.09 4.27 -4.00
C THR A 17 1.96 3.26 -3.91
N LEU A 18 1.44 3.01 -2.71
CA LEU A 18 0.34 2.10 -2.53
C LEU A 18 -0.92 2.94 -2.53
N PHE A 19 -1.96 2.44 -3.18
CA PHE A 19 -3.26 3.09 -3.25
C PHE A 19 -4.28 1.99 -3.51
N VAL A 20 -5.56 2.25 -3.28
CA VAL A 20 -6.60 1.27 -3.53
C VAL A 20 -7.44 1.81 -4.67
N SER A 21 -7.82 0.91 -5.58
CA SER A 21 -8.62 1.20 -6.74
C SER A 21 -9.78 0.22 -6.70
N ASP A 22 -10.99 0.74 -6.57
CA ASP A 22 -12.24 0.01 -6.53
C ASP A 22 -12.27 -0.96 -5.36
N ASN A 23 -11.94 -0.42 -4.18
CA ASN A 23 -11.89 -1.11 -2.88
C ASN A 23 -10.98 -2.32 -2.90
N LYS A 24 -9.91 -2.25 -3.69
CA LYS A 24 -8.93 -3.29 -3.83
C LYS A 24 -7.55 -2.66 -3.86
N LEU A 25 -6.66 -3.16 -2.99
CA LEU A 25 -5.29 -2.70 -2.86
C LEU A 25 -4.57 -2.81 -4.19
N LYS A 26 -3.86 -1.76 -4.56
CA LYS A 26 -3.06 -1.63 -5.77
C LYS A 26 -1.71 -1.04 -5.39
N TYR A 27 -0.74 -1.08 -6.29
CA TYR A 27 0.59 -0.53 -6.09
C TYR A 27 1.02 0.13 -7.41
N LYS A 28 1.72 1.25 -7.32
CA LYS A 28 2.25 2.08 -8.41
C LYS A 28 3.73 2.30 -8.17
N THR A 29 4.50 2.40 -9.25
CA THR A 29 5.95 2.62 -9.22
C THR A 29 6.43 2.79 -10.67
N ASN A 30 7.73 2.96 -10.83
CA ASN A 30 8.42 3.12 -12.11
C ASN A 30 9.32 1.92 -12.39
N ARG A 31 9.37 0.93 -11.49
CA ARG A 31 10.21 -0.26 -11.65
C ARG A 31 9.44 -1.53 -11.38
N ASP A 32 9.79 -2.62 -12.07
CA ASP A 32 9.15 -3.92 -11.86
C ASP A 32 10.01 -4.72 -10.86
N SER A 33 11.20 -4.21 -10.54
CA SER A 33 12.17 -4.78 -9.64
C SER A 33 11.74 -4.69 -8.15
N ILE A 34 10.46 -4.42 -7.85
CA ILE A 34 10.00 -4.34 -6.47
C ILE A 34 10.26 -5.69 -5.78
N PRO A 35 10.50 -5.69 -4.47
CA PRO A 35 10.75 -6.91 -3.72
C PRO A 35 9.48 -7.71 -3.53
N SER A 36 9.54 -9.05 -3.70
CA SER A 36 8.35 -9.88 -3.50
C SER A 36 7.91 -9.84 -2.03
N GLU A 37 8.75 -9.35 -1.09
CA GLU A 37 8.35 -9.26 0.31
C GLU A 37 7.11 -8.34 0.39
N LEU A 38 7.06 -7.30 -0.45
CA LEU A 38 5.97 -6.34 -0.54
C LEU A 38 4.75 -7.06 -1.08
N LEU A 39 4.88 -7.84 -2.17
CA LEU A 39 3.75 -8.57 -2.74
C LEU A 39 3.08 -9.43 -1.68
N GLU A 40 3.88 -10.15 -0.90
CA GLU A 40 3.41 -11.02 0.14
C GLU A 40 2.77 -10.23 1.29
N GLU A 41 3.46 -9.23 1.84
CA GLU A 41 2.93 -8.43 2.94
C GLU A 41 1.63 -7.75 2.56
N TRP A 42 1.56 -7.25 1.32
CA TRP A 42 0.39 -6.60 0.80
C TRP A 42 -0.78 -7.56 0.80
N LYS A 43 -0.60 -8.80 0.37
CA LYS A 43 -1.66 -9.81 0.35
C LYS A 43 -2.03 -10.24 1.77
N GLN A 44 -1.08 -10.26 2.70
CA GLN A 44 -1.31 -10.65 4.08
C GLN A 44 -2.21 -9.62 4.76
N HIS A 45 -1.84 -8.35 4.67
CA HIS A 45 -2.53 -7.22 5.27
C HIS A 45 -3.37 -6.44 4.26
N LYS A 46 -3.82 -7.08 3.18
CA LYS A 46 -4.59 -6.44 2.13
C LYS A 46 -5.84 -5.77 2.64
N GLN A 47 -6.49 -6.39 3.60
CA GLN A 47 -7.72 -5.91 4.16
C GLN A 47 -7.54 -4.58 4.87
N GLU A 48 -6.62 -4.54 5.84
CA GLU A 48 -6.38 -3.32 6.58
C GLU A 48 -5.73 -2.26 5.70
N LEU A 49 -4.91 -2.68 4.71
CA LEU A 49 -4.25 -1.76 3.79
C LEU A 49 -5.27 -0.99 2.97
N ILE A 50 -6.37 -1.63 2.55
CA ILE A 50 -7.41 -1.02 1.74
C ILE A 50 -8.10 0.01 2.62
N ASP A 51 -8.60 -0.41 3.77
CA ASP A 51 -9.34 0.42 4.70
C ASP A 51 -8.56 1.65 5.14
N PHE A 52 -7.26 1.51 5.34
CA PHE A 52 -6.38 2.58 5.75
C PHE A 52 -5.98 3.48 4.59
N LEU A 53 -5.74 2.93 3.39
CA LEU A 53 -5.33 3.76 2.26
C LEU A 53 -6.48 4.53 1.63
N THR A 54 -7.63 3.89 1.50
CA THR A 54 -8.78 4.50 0.86
C THR A 54 -9.34 5.65 1.68
N GLN A 55 -9.19 5.61 3.00
CA GLN A 55 -9.70 6.68 3.85
C GLN A 55 -8.89 7.96 3.70
N LEU A 56 -7.65 7.85 3.19
CA LEU A 56 -6.75 8.96 2.97
C LEU A 56 -7.13 9.59 1.64
N GLU A 57 -7.31 8.75 0.62
CA GLU A 57 -7.69 9.19 -0.73
C GLU A 57 -9.06 9.89 -0.70
N SER A 58 -9.90 9.54 0.27
CA SER A 58 -11.23 10.08 0.48
C SER A 58 -11.21 11.51 1.04
N GLU A 59 -10.13 11.95 1.71
CA GLU A 59 -10.05 13.29 2.26
C GLU A 59 -9.57 14.25 1.18
N GLU A 60 -10.56 14.80 0.49
CA GLU A 60 -10.50 15.75 -0.63
C GLU A 60 -9.93 17.14 -0.29
N GLU A 61 -9.33 17.32 0.89
CA GLU A 61 -8.71 18.57 1.36
C GLU A 61 -7.39 18.86 0.61
N SER A 62 -6.75 17.82 0.08
CA SER A 62 -5.49 17.87 -0.66
C SER A 62 -5.54 18.82 -1.85
N MET A 1 4.38 -8.47 13.57
CA MET A 1 3.54 -7.43 14.15
C MET A 1 3.72 -6.15 13.32
N LYS A 2 2.76 -5.81 12.46
CA LYS A 2 2.78 -4.61 11.61
C LYS A 2 1.34 -4.24 11.28
N ASN A 3 1.17 -3.09 10.64
CA ASN A 3 -0.11 -2.51 10.25
C ASN A 3 -0.02 -1.86 8.89
N ALA A 4 -1.17 -1.48 8.33
CA ALA A 4 -1.31 -0.85 7.02
C ALA A 4 -0.27 0.25 6.79
N ALA A 5 -0.22 1.26 7.67
CA ALA A 5 0.70 2.38 7.53
C ALA A 5 2.16 1.95 7.59
N LYS A 6 2.48 0.90 8.35
CA LYS A 6 3.84 0.39 8.48
C LYS A 6 4.27 -0.05 7.09
N ILE A 7 3.44 -0.81 6.40
CA ILE A 7 3.71 -1.33 5.07
C ILE A 7 3.81 -0.18 4.06
N VAL A 8 2.90 0.80 4.10
CA VAL A 8 2.92 1.94 3.19
C VAL A 8 4.26 2.67 3.25
N ASN A 9 4.73 3.01 4.45
CA ASN A 9 5.99 3.72 4.64
C ASN A 9 7.18 3.00 4.00
N GLU A 10 7.17 1.68 4.03
CA GLU A 10 8.26 0.91 3.44
C GLU A 10 8.15 0.94 1.92
N ALA A 11 6.93 0.91 1.38
CA ALA A 11 6.72 0.95 -0.06
C ALA A 11 7.33 2.24 -0.58
N LEU A 12 7.01 3.38 0.04
CA LEU A 12 7.55 4.67 -0.38
C LEU A 12 9.08 4.65 -0.36
N ASN A 13 9.65 4.03 0.68
CA ASN A 13 11.10 3.92 0.87
C ASN A 13 11.75 3.10 -0.24
N GLN A 14 11.04 2.16 -0.87
CA GLN A 14 11.56 1.34 -1.96
C GLN A 14 11.17 1.97 -3.32
N GLY A 15 10.57 3.17 -3.31
CA GLY A 15 10.15 3.88 -4.51
C GLY A 15 8.87 3.33 -5.07
N ILE A 16 7.88 3.07 -4.21
CA ILE A 16 6.59 2.53 -4.57
C ILE A 16 5.51 3.38 -3.90
N THR A 17 4.28 3.35 -4.38
CA THR A 17 3.12 4.07 -3.88
C THR A 17 2.03 3.03 -3.68
N LEU A 18 1.44 2.91 -2.49
CA LEU A 18 0.37 1.97 -2.25
C LEU A 18 -0.90 2.81 -2.36
N PHE A 19 -1.76 2.49 -3.32
CA PHE A 19 -3.02 3.18 -3.56
C PHE A 19 -4.01 2.09 -3.88
N VAL A 20 -5.24 2.16 -3.44
CA VAL A 20 -6.24 1.14 -3.72
C VAL A 20 -7.04 1.63 -4.92
N SER A 21 -7.45 0.68 -5.74
CA SER A 21 -8.24 0.90 -6.93
C SER A 21 -9.42 -0.03 -6.81
N ASP A 22 -10.62 0.51 -6.91
CA ASP A 22 -11.87 -0.23 -6.91
C ASP A 22 -11.99 -1.22 -5.75
N ASN A 23 -11.67 -0.74 -4.54
CA ASN A 23 -11.75 -1.54 -3.31
C ASN A 23 -10.75 -2.68 -3.28
N LYS A 24 -9.63 -2.51 -3.96
CA LYS A 24 -8.59 -3.52 -4.02
C LYS A 24 -7.28 -2.80 -3.92
N LEU A 25 -6.50 -3.14 -2.89
CA LEU A 25 -5.20 -2.58 -2.63
C LEU A 25 -4.38 -2.71 -3.89
N LYS A 26 -3.96 -1.58 -4.43
CA LYS A 26 -3.10 -1.58 -5.62
C LYS A 26 -1.73 -1.01 -5.22
N TYR A 27 -0.76 -1.06 -6.11
CA TYR A 27 0.58 -0.52 -5.89
C TYR A 27 0.98 0.16 -7.19
N LYS A 28 1.86 1.16 -7.13
CA LYS A 28 2.36 1.93 -8.26
C LYS A 28 3.84 2.16 -8.05
N THR A 29 4.62 2.22 -9.11
CA THR A 29 6.06 2.43 -9.04
C THR A 29 6.61 2.57 -10.47
N ASN A 30 7.87 3.01 -10.59
CA ASN A 30 8.57 3.20 -11.87
C ASN A 30 9.47 2.01 -12.21
N ARG A 31 9.50 0.95 -11.40
CA ARG A 31 10.28 -0.27 -11.61
C ARG A 31 9.36 -1.45 -11.43
N ASP A 32 9.76 -2.62 -11.89
CA ASP A 32 8.98 -3.85 -11.78
C ASP A 32 9.72 -4.87 -10.93
N SER A 33 11.02 -4.65 -10.72
CA SER A 33 11.87 -5.53 -9.93
C SER A 33 11.76 -5.14 -8.46
N ILE A 34 10.52 -5.04 -7.98
CA ILE A 34 10.21 -4.72 -6.59
C ILE A 34 10.50 -5.99 -5.76
N PRO A 35 10.70 -5.88 -4.44
CA PRO A 35 10.96 -7.06 -3.61
C PRO A 35 9.66 -7.88 -3.51
N SER A 36 9.75 -9.19 -3.74
CA SER A 36 8.63 -10.11 -3.68
C SER A 36 7.91 -10.07 -2.32
N GLU A 37 8.61 -9.64 -1.25
CA GLU A 37 8.09 -9.54 0.10
C GLU A 37 6.91 -8.56 0.16
N LEU A 38 6.94 -7.51 -0.67
CA LEU A 38 5.90 -6.51 -0.71
C LEU A 38 4.60 -7.14 -1.22
N LEU A 39 4.65 -7.95 -2.28
CA LEU A 39 3.46 -8.58 -2.83
C LEU A 39 2.83 -9.52 -1.80
N GLU A 40 3.65 -10.16 -0.98
CA GLU A 40 3.22 -11.07 0.07
C GLU A 40 2.56 -10.27 1.20
N GLU A 41 3.26 -9.28 1.76
CA GLU A 41 2.77 -8.48 2.86
C GLU A 41 1.49 -7.73 2.48
N TRP A 42 1.44 -7.23 1.25
CA TRP A 42 0.28 -6.51 0.76
C TRP A 42 -0.95 -7.40 0.78
N LYS A 43 -0.83 -8.68 0.43
CA LYS A 43 -1.97 -9.60 0.45
C LYS A 43 -2.32 -9.92 1.91
N GLN A 44 -1.30 -10.15 2.73
CA GLN A 44 -1.43 -10.51 4.14
C GLN A 44 -2.15 -9.42 4.91
N HIS A 45 -1.99 -8.17 4.48
CA HIS A 45 -2.60 -7.02 5.10
C HIS A 45 -3.55 -6.27 4.17
N LYS A 46 -3.95 -6.83 3.02
CA LYS A 46 -4.82 -6.16 2.04
C LYS A 46 -6.07 -5.59 2.68
N GLN A 47 -6.63 -6.33 3.61
CA GLN A 47 -7.84 -5.94 4.28
C GLN A 47 -7.69 -4.61 5.03
N GLU A 48 -6.65 -4.46 5.84
CA GLU A 48 -6.45 -3.21 6.58
C GLU A 48 -5.82 -2.16 5.67
N LEU A 49 -4.95 -2.57 4.75
CA LEU A 49 -4.28 -1.67 3.81
C LEU A 49 -5.32 -0.92 3.01
N ILE A 50 -6.40 -1.58 2.58
CA ILE A 50 -7.46 -0.96 1.81
C ILE A 50 -8.15 0.06 2.67
N ASP A 51 -8.65 -0.36 3.83
CA ASP A 51 -9.37 0.48 4.75
C ASP A 51 -8.61 1.74 5.12
N PHE A 52 -7.32 1.60 5.37
CA PHE A 52 -6.46 2.70 5.74
C PHE A 52 -6.17 3.60 4.54
N LEU A 53 -5.90 3.01 3.38
CA LEU A 53 -5.58 3.80 2.21
C LEU A 53 -6.80 4.52 1.63
N THR A 54 -7.98 3.91 1.71
CA THR A 54 -9.21 4.47 1.19
C THR A 54 -9.78 5.51 2.14
N GLN A 55 -9.64 5.34 3.45
CA GLN A 55 -10.16 6.33 4.38
C GLN A 55 -9.27 7.58 4.33
N LEU A 56 -7.97 7.42 4.01
CA LEU A 56 -7.04 8.53 3.91
C LEU A 56 -7.32 9.29 2.63
N GLU A 57 -7.61 8.56 1.54
CA GLU A 57 -7.89 9.10 0.20
C GLU A 57 -8.92 10.23 0.26
N SER A 58 -9.89 10.11 1.18
CA SER A 58 -10.95 11.06 1.44
C SER A 58 -10.46 12.47 1.77
N GLU A 59 -9.21 12.65 2.21
CA GLU A 59 -8.68 13.95 2.55
C GLU A 59 -7.63 14.41 1.55
N GLU A 60 -7.99 15.46 0.82
CA GLU A 60 -7.19 16.14 -0.19
C GLU A 60 -5.97 16.84 0.42
N GLU A 61 -5.92 16.91 1.75
CA GLU A 61 -4.90 17.50 2.58
C GLU A 61 -4.69 16.57 3.77
N SER A 62 -4.16 15.39 3.46
CA SER A 62 -3.88 14.32 4.40
C SER A 62 -2.70 14.72 5.27
N MET A 1 3.13 -8.68 13.70
CA MET A 1 2.41 -7.46 14.12
C MET A 1 2.90 -6.26 13.32
N LYS A 2 2.21 -5.91 12.23
CA LYS A 2 2.52 -4.77 11.37
C LYS A 2 1.22 -4.29 10.74
N ASN A 3 0.83 -3.06 11.06
CA ASN A 3 -0.39 -2.44 10.56
C ASN A 3 -0.24 -1.96 9.11
N ALA A 4 -1.35 -1.49 8.52
CA ALA A 4 -1.40 -0.99 7.16
C ALA A 4 -0.32 0.07 6.87
N ALA A 5 -0.23 1.11 7.69
CA ALA A 5 0.75 2.17 7.50
C ALA A 5 2.19 1.63 7.54
N LYS A 6 2.42 0.57 8.32
CA LYS A 6 3.73 -0.05 8.48
C LYS A 6 4.22 -0.47 7.10
N ILE A 7 3.41 -1.21 6.34
CA ILE A 7 3.81 -1.67 5.01
C ILE A 7 3.82 -0.49 4.01
N VAL A 8 2.94 0.50 4.18
CA VAL A 8 2.91 1.67 3.29
C VAL A 8 4.27 2.35 3.31
N ASN A 9 4.80 2.65 4.50
CA ASN A 9 6.10 3.29 4.66
C ASN A 9 7.18 2.51 3.91
N GLU A 10 7.13 1.18 3.97
CA GLU A 10 8.09 0.32 3.30
C GLU A 10 7.96 0.44 1.79
N ALA A 11 6.73 0.50 1.27
CA ALA A 11 6.50 0.65 -0.15
C ALA A 11 7.17 1.92 -0.62
N LEU A 12 6.94 3.05 0.06
CA LEU A 12 7.54 4.32 -0.30
C LEU A 12 9.06 4.22 -0.29
N ASN A 13 9.63 3.48 0.67
CA ASN A 13 11.07 3.30 0.79
C ASN A 13 11.63 2.60 -0.44
N GLN A 14 10.87 1.69 -1.04
CA GLN A 14 11.27 0.97 -2.24
C GLN A 14 10.79 1.70 -3.51
N GLY A 15 10.39 2.96 -3.40
CA GLY A 15 9.92 3.79 -4.51
C GLY A 15 8.58 3.33 -5.04
N ILE A 16 7.66 2.93 -4.17
CA ILE A 16 6.35 2.43 -4.54
C ILE A 16 5.25 3.16 -3.77
N THR A 17 4.28 3.70 -4.49
CA THR A 17 3.15 4.40 -3.91
C THR A 17 2.01 3.38 -3.79
N LEU A 18 1.55 3.11 -2.57
CA LEU A 18 0.44 2.20 -2.36
C LEU A 18 -0.80 3.07 -2.47
N PHE A 19 -1.77 2.59 -3.24
CA PHE A 19 -3.05 3.23 -3.46
C PHE A 19 -3.98 2.08 -3.75
N VAL A 20 -5.25 2.17 -3.41
CA VAL A 20 -6.21 1.10 -3.69
C VAL A 20 -6.95 1.52 -4.95
N SER A 21 -7.23 0.56 -5.82
CA SER A 21 -7.94 0.76 -7.06
C SER A 21 -9.11 -0.20 -7.01
N ASP A 22 -10.31 0.29 -7.32
CA ASP A 22 -11.56 -0.46 -7.34
C ASP A 22 -11.78 -1.27 -6.05
N ASN A 23 -11.51 -0.65 -4.89
CA ASN A 23 -11.63 -1.21 -3.54
C ASN A 23 -10.77 -2.46 -3.37
N LYS A 24 -9.59 -2.43 -3.98
CA LYS A 24 -8.61 -3.48 -3.95
C LYS A 24 -7.24 -2.85 -3.84
N LEU A 25 -6.52 -3.21 -2.79
CA LEU A 25 -5.18 -2.71 -2.49
C LEU A 25 -4.30 -2.82 -3.72
N LYS A 26 -3.94 -1.67 -4.27
CA LYS A 26 -3.09 -1.60 -5.48
C LYS A 26 -1.70 -1.04 -5.14
N TYR A 27 -0.84 -0.81 -6.13
CA TYR A 27 0.51 -0.26 -5.95
C TYR A 27 0.90 0.42 -7.28
N LYS A 28 1.79 1.41 -7.22
CA LYS A 28 2.31 2.22 -8.34
C LYS A 28 3.82 2.27 -8.17
N THR A 29 4.57 2.21 -9.26
CA THR A 29 6.02 2.25 -9.28
C THR A 29 6.47 2.34 -10.73
N ASN A 30 7.69 2.80 -10.96
CA ASN A 30 8.25 2.90 -12.31
C ASN A 30 9.20 1.73 -12.58
N ARG A 31 9.43 0.87 -11.58
CA ARG A 31 10.28 -0.29 -11.64
C ARG A 31 9.44 -1.49 -11.26
N ASP A 32 9.53 -2.56 -12.04
CA ASP A 32 8.83 -3.82 -11.81
C ASP A 32 9.64 -4.68 -10.83
N SER A 33 10.92 -4.32 -10.66
CA SER A 33 11.95 -4.93 -9.83
C SER A 33 11.73 -4.73 -8.32
N ILE A 34 10.48 -4.60 -7.89
CA ILE A 34 10.13 -4.41 -6.50
C ILE A 34 10.40 -5.72 -5.73
N PRO A 35 10.57 -5.67 -4.40
CA PRO A 35 10.81 -6.86 -3.61
C PRO A 35 9.53 -7.67 -3.41
N SER A 36 9.61 -9.01 -3.42
CA SER A 36 8.46 -9.87 -3.21
C SER A 36 7.90 -9.65 -1.82
N GLU A 37 8.74 -9.19 -0.87
CA GLU A 37 8.34 -8.94 0.51
C GLU A 37 7.12 -8.00 0.53
N LEU A 38 7.03 -7.07 -0.43
CA LEU A 38 5.94 -6.11 -0.58
C LEU A 38 4.72 -6.84 -1.11
N LEU A 39 4.81 -7.55 -2.24
CA LEU A 39 3.68 -8.28 -2.82
C LEU A 39 3.04 -9.23 -1.82
N GLU A 40 3.87 -9.87 -1.01
CA GLU A 40 3.46 -10.81 0.01
C GLU A 40 2.78 -10.07 1.16
N GLU A 41 3.44 -9.12 1.81
CA GLU A 41 2.86 -8.39 2.95
C GLU A 41 1.59 -7.65 2.55
N TRP A 42 1.54 -7.13 1.33
CA TRP A 42 0.38 -6.43 0.84
C TRP A 42 -0.82 -7.36 0.78
N LYS A 43 -0.64 -8.62 0.39
CA LYS A 43 -1.72 -9.60 0.32
C LYS A 43 -2.08 -10.08 1.73
N GLN A 44 -1.10 -10.12 2.63
CA GLN A 44 -1.28 -10.56 4.01
C GLN A 44 -2.14 -9.54 4.78
N HIS A 45 -1.93 -8.25 4.53
CA HIS A 45 -2.62 -7.14 5.18
C HIS A 45 -3.45 -6.31 4.19
N LYS A 46 -3.92 -6.92 3.10
CA LYS A 46 -4.69 -6.24 2.05
C LYS A 46 -5.94 -5.57 2.58
N GLN A 47 -6.58 -6.20 3.55
CA GLN A 47 -7.81 -5.72 4.13
C GLN A 47 -7.60 -4.42 4.89
N GLU A 48 -6.67 -4.40 5.84
CA GLU A 48 -6.41 -3.20 6.61
C GLU A 48 -5.78 -2.14 5.70
N LEU A 49 -4.95 -2.57 4.73
CA LEU A 49 -4.32 -1.65 3.79
C LEU A 49 -5.38 -0.87 3.05
N ILE A 50 -6.50 -1.49 2.63
CA ILE A 50 -7.55 -0.77 1.91
C ILE A 50 -8.20 0.18 2.88
N ASP A 51 -8.57 -0.28 4.08
CA ASP A 51 -9.25 0.54 5.07
C ASP A 51 -8.52 1.84 5.39
N PHE A 52 -7.21 1.75 5.52
CA PHE A 52 -6.30 2.85 5.82
C PHE A 52 -6.02 3.70 4.57
N LEU A 53 -5.82 3.06 3.42
CA LEU A 53 -5.54 3.81 2.20
C LEU A 53 -6.77 4.50 1.64
N THR A 54 -7.96 3.98 1.89
CA THR A 54 -9.19 4.58 1.40
C THR A 54 -9.67 5.69 2.32
N GLN A 55 -9.43 5.58 3.64
CA GLN A 55 -9.86 6.64 4.55
C GLN A 55 -9.03 7.90 4.30
N LEU A 56 -7.79 7.72 3.83
CA LEU A 56 -6.91 8.83 3.52
C LEU A 56 -7.36 9.41 2.18
N GLU A 57 -7.83 8.56 1.26
CA GLU A 57 -8.32 8.93 -0.07
C GLU A 57 -9.56 9.83 0.03
N SER A 58 -10.23 9.87 1.19
CA SER A 58 -11.40 10.70 1.47
C SER A 58 -10.99 12.10 1.92
N GLU A 59 -9.75 12.26 2.40
CA GLU A 59 -9.22 13.53 2.86
C GLU A 59 -8.75 14.35 1.66
N GLU A 60 -9.42 15.48 1.45
CA GLU A 60 -9.20 16.48 0.40
C GLU A 60 -7.84 17.18 0.44
N GLU A 61 -7.00 16.87 1.43
CA GLU A 61 -5.65 17.40 1.66
C GLU A 61 -4.69 16.26 2.05
N SER A 62 -5.04 15.00 1.76
CA SER A 62 -4.19 13.87 2.08
C SER A 62 -2.82 14.00 1.44
N MET A 1 4.02 -7.91 14.45
CA MET A 1 2.68 -7.39 14.17
C MET A 1 2.78 -6.07 13.42
N LYS A 2 2.42 -6.06 12.13
CA LYS A 2 2.45 -4.84 11.33
C LYS A 2 1.04 -4.27 11.27
N ASN A 3 0.96 -3.06 10.75
CA ASN A 3 -0.25 -2.28 10.55
C ASN A 3 -0.18 -1.75 9.15
N ALA A 4 -1.33 -1.32 8.63
CA ALA A 4 -1.42 -0.84 7.27
C ALA A 4 -0.40 0.25 6.93
N ALA A 5 -0.29 1.29 7.76
CA ALA A 5 0.65 2.36 7.49
C ALA A 5 2.09 1.85 7.45
N LYS A 6 2.42 0.86 8.29
CA LYS A 6 3.76 0.26 8.38
C LYS A 6 4.25 -0.15 7.00
N ILE A 7 3.45 -0.97 6.32
CA ILE A 7 3.81 -1.46 4.99
C ILE A 7 3.82 -0.34 3.97
N VAL A 8 2.89 0.63 4.09
CA VAL A 8 2.80 1.75 3.16
C VAL A 8 4.14 2.49 3.11
N ASN A 9 4.60 2.92 4.26
CA ASN A 9 5.86 3.63 4.42
C ASN A 9 7.06 2.84 3.92
N GLU A 10 7.04 1.51 4.10
CA GLU A 10 8.13 0.66 3.66
C GLU A 10 8.15 0.62 2.13
N ALA A 11 6.98 0.60 1.48
CA ALA A 11 6.92 0.55 0.03
C ALA A 11 7.51 1.84 -0.54
N LEU A 12 7.23 2.98 0.11
CA LEU A 12 7.76 4.26 -0.33
C LEU A 12 9.29 4.21 -0.36
N ASN A 13 9.91 3.53 0.61
CA ASN A 13 11.37 3.40 0.68
C ASN A 13 11.89 2.70 -0.57
N GLN A 14 11.21 1.65 -1.02
CA GLN A 14 11.61 0.91 -2.22
C GLN A 14 11.21 1.65 -3.50
N GLY A 15 10.60 2.84 -3.40
CA GLY A 15 10.17 3.65 -4.52
C GLY A 15 8.84 3.19 -5.07
N ILE A 16 7.90 2.81 -4.19
CA ILE A 16 6.59 2.32 -4.58
C ILE A 16 5.53 3.05 -3.78
N THR A 17 4.42 3.39 -4.44
CA THR A 17 3.29 4.08 -3.86
C THR A 17 2.13 3.09 -3.83
N LEU A 18 1.47 2.93 -2.68
CA LEU A 18 0.34 2.05 -2.52
C LEU A 18 -0.90 2.92 -2.61
N PHE A 19 -1.87 2.48 -3.39
CA PHE A 19 -3.13 3.16 -3.60
C PHE A 19 -4.14 2.05 -3.88
N VAL A 20 -5.40 2.17 -3.51
CA VAL A 20 -6.43 1.16 -3.77
C VAL A 20 -7.22 1.62 -5.01
N SER A 21 -7.84 0.66 -5.67
CA SER A 21 -8.66 0.82 -6.86
C SER A 21 -9.77 -0.21 -6.69
N ASP A 22 -11.04 0.20 -6.75
CA ASP A 22 -12.20 -0.67 -6.60
C ASP A 22 -12.10 -1.60 -5.39
N ASN A 23 -11.80 -0.99 -4.24
CA ASN A 23 -11.71 -1.67 -2.96
C ASN A 23 -10.76 -2.84 -3.00
N LYS A 24 -9.69 -2.69 -3.77
CA LYS A 24 -8.67 -3.67 -3.95
C LYS A 24 -7.36 -2.93 -3.86
N LEU A 25 -6.54 -3.34 -2.90
CA LEU A 25 -5.25 -2.75 -2.63
C LEU A 25 -4.41 -2.80 -3.88
N LYS A 26 -4.12 -1.64 -4.44
CA LYS A 26 -3.28 -1.55 -5.65
C LYS A 26 -1.89 -1.02 -5.23
N TYR A 27 -0.94 -0.98 -6.16
CA TYR A 27 0.43 -0.50 -5.96
C TYR A 27 0.87 0.16 -7.27
N LYS A 28 1.73 1.17 -7.21
CA LYS A 28 2.28 1.97 -8.29
C LYS A 28 3.79 2.04 -8.10
N THR A 29 4.58 2.00 -9.17
CA THR A 29 6.03 2.07 -9.04
C THR A 29 6.64 2.43 -10.40
N ASN A 30 7.86 2.95 -10.38
CA ASN A 30 8.58 3.32 -11.60
C ASN A 30 9.48 2.18 -12.08
N ARG A 31 9.55 1.06 -11.34
CA ARG A 31 10.32 -0.12 -11.64
C ARG A 31 9.53 -1.37 -11.26
N ASP A 32 9.87 -2.52 -11.83
CA ASP A 32 9.24 -3.80 -11.59
C ASP A 32 10.17 -4.78 -10.85
N SER A 33 11.42 -4.39 -10.59
CA SER A 33 12.42 -5.19 -9.88
C SER A 33 12.25 -5.06 -8.34
N ILE A 34 11.02 -4.81 -7.90
CA ILE A 34 10.64 -4.64 -6.50
C ILE A 34 10.77 -5.96 -5.71
N PRO A 35 10.90 -5.91 -4.37
CA PRO A 35 11.02 -7.12 -3.56
C PRO A 35 9.68 -7.85 -3.46
N SER A 36 9.71 -9.18 -3.62
CA SER A 36 8.49 -9.99 -3.53
C SER A 36 7.83 -9.84 -2.15
N GLU A 37 8.57 -9.47 -1.11
CA GLU A 37 8.02 -9.32 0.24
C GLU A 37 6.93 -8.25 0.27
N LEU A 38 7.02 -7.26 -0.62
CA LEU A 38 6.03 -6.18 -0.70
C LEU A 38 4.74 -6.76 -1.23
N LEU A 39 4.77 -7.43 -2.39
CA LEU A 39 3.59 -8.03 -2.99
C LEU A 39 2.89 -8.97 -2.03
N GLU A 40 3.68 -9.67 -1.22
CA GLU A 40 3.20 -10.62 -0.25
C GLU A 40 2.57 -9.90 0.93
N GLU A 41 3.28 -9.00 1.61
CA GLU A 41 2.73 -8.30 2.76
C GLU A 41 1.47 -7.52 2.38
N TRP A 42 1.45 -6.99 1.17
CA TRP A 42 0.31 -6.24 0.63
C TRP A 42 -0.93 -7.12 0.57
N LYS A 43 -0.74 -8.41 0.25
CA LYS A 43 -1.81 -9.38 0.16
C LYS A 43 -2.13 -9.88 1.57
N GLN A 44 -1.16 -9.93 2.47
CA GLN A 44 -1.33 -10.42 3.83
C GLN A 44 -2.22 -9.45 4.61
N HIS A 45 -1.97 -8.15 4.49
CA HIS A 45 -2.69 -7.08 5.17
C HIS A 45 -3.61 -6.34 4.19
N LYS A 46 -4.00 -6.95 3.07
CA LYS A 46 -4.84 -6.33 2.04
C LYS A 46 -6.08 -5.65 2.58
N GLN A 47 -6.76 -6.33 3.50
CA GLN A 47 -7.98 -5.82 4.07
C GLN A 47 -7.75 -4.51 4.82
N GLU A 48 -6.77 -4.48 5.73
CA GLU A 48 -6.51 -3.27 6.49
C GLU A 48 -5.79 -2.20 5.66
N LEU A 49 -4.99 -2.61 4.66
CA LEU A 49 -4.28 -1.70 3.79
C LEU A 49 -5.28 -0.86 3.03
N ILE A 50 -6.40 -1.46 2.62
CA ILE A 50 -7.47 -0.79 1.89
C ILE A 50 -8.11 0.17 2.86
N ASP A 51 -8.42 -0.27 4.07
CA ASP A 51 -9.06 0.55 5.09
C ASP A 51 -8.31 1.86 5.33
N PHE A 52 -7.00 1.76 5.51
CA PHE A 52 -6.14 2.89 5.76
C PHE A 52 -6.00 3.77 4.53
N LEU A 53 -5.85 3.16 3.36
CA LEU A 53 -5.68 3.92 2.14
C LEU A 53 -6.96 4.63 1.71
N THR A 54 -8.11 3.98 1.84
CA THR A 54 -9.38 4.53 1.43
C THR A 54 -9.88 5.58 2.41
N GLN A 55 -9.56 5.46 3.71
CA GLN A 55 -10.04 6.46 4.67
C GLN A 55 -9.27 7.77 4.57
N LEU A 56 -8.12 7.72 3.88
CA LEU A 56 -7.25 8.86 3.69
C LEU A 56 -7.47 9.48 2.31
N GLU A 57 -7.88 8.68 1.31
CA GLU A 57 -8.15 9.14 -0.06
C GLU A 57 -9.28 10.20 -0.07
N SER A 58 -10.11 10.20 0.96
CA SER A 58 -11.23 11.09 1.19
C SER A 58 -10.80 12.50 1.66
N GLU A 59 -9.55 12.62 2.11
CA GLU A 59 -8.94 13.87 2.58
C GLU A 59 -8.47 14.68 1.35
N GLU A 60 -7.80 15.81 1.56
CA GLU A 60 -7.29 16.67 0.48
C GLU A 60 -5.76 16.81 0.55
N GLU A 61 -5.14 16.52 1.69
CA GLU A 61 -3.70 16.63 1.88
C GLU A 61 -3.19 15.52 2.81
N SER A 62 -2.61 14.47 2.23
CA SER A 62 -2.08 13.32 2.95
C SER A 62 -0.75 13.67 3.62
N MET A 1 3.53 -6.83 15.57
CA MET A 1 2.64 -6.98 14.42
C MET A 1 2.60 -5.66 13.67
N LYS A 2 3.12 -5.62 12.44
CA LYS A 2 3.09 -4.41 11.62
C LYS A 2 1.63 -4.09 11.29
N ASN A 3 1.37 -2.83 10.93
CA ASN A 3 0.07 -2.24 10.59
C ASN A 3 0.08 -1.77 9.13
N ALA A 4 -1.08 -1.40 8.59
CA ALA A 4 -1.26 -0.93 7.22
C ALA A 4 -0.26 0.17 6.85
N ALA A 5 -0.18 1.25 7.63
CA ALA A 5 0.74 2.35 7.34
C ALA A 5 2.19 1.89 7.33
N LYS A 6 2.52 0.88 8.15
CA LYS A 6 3.86 0.34 8.24
C LYS A 6 4.30 -0.14 6.87
N ILE A 7 3.53 -1.00 6.22
CA ILE A 7 3.88 -1.52 4.89
C ILE A 7 3.85 -0.39 3.85
N VAL A 8 2.97 0.61 4.03
CA VAL A 8 2.89 1.75 3.10
C VAL A 8 4.23 2.46 3.13
N ASN A 9 4.73 2.81 4.32
CA ASN A 9 6.02 3.51 4.48
C ASN A 9 7.13 2.73 3.77
N GLU A 10 7.10 1.40 3.84
CA GLU A 10 8.10 0.56 3.20
C GLU A 10 8.00 0.68 1.69
N ALA A 11 6.78 0.69 1.16
CA ALA A 11 6.58 0.83 -0.27
C ALA A 11 7.20 2.15 -0.70
N LEU A 12 6.90 3.25 0.00
CA LEU A 12 7.45 4.56 -0.34
C LEU A 12 8.99 4.53 -0.34
N ASN A 13 9.60 3.86 0.65
CA ASN A 13 11.06 3.73 0.75
C ASN A 13 11.62 3.01 -0.47
N GLN A 14 10.95 1.95 -0.93
CA GLN A 14 11.34 1.17 -2.09
C GLN A 14 10.92 1.86 -3.41
N GLY A 15 10.52 3.14 -3.36
CA GLY A 15 10.10 3.92 -4.52
C GLY A 15 8.78 3.46 -5.09
N ILE A 16 7.81 3.15 -4.23
CA ILE A 16 6.48 2.68 -4.61
C ILE A 16 5.43 3.58 -3.95
N THR A 17 4.18 3.48 -4.36
CA THR A 17 3.04 4.22 -3.85
C THR A 17 1.95 3.17 -3.67
N LEU A 18 1.40 3.02 -2.47
CA LEU A 18 0.31 2.09 -2.25
C LEU A 18 -0.95 2.93 -2.36
N PHE A 19 -1.84 2.55 -3.25
CA PHE A 19 -3.11 3.24 -3.45
C PHE A 19 -4.08 2.12 -3.77
N VAL A 20 -5.33 2.20 -3.37
CA VAL A 20 -6.28 1.15 -3.65
C VAL A 20 -7.00 1.53 -4.94
N SER A 21 -7.20 0.56 -5.83
CA SER A 21 -7.88 0.72 -7.09
C SER A 21 -9.07 -0.21 -7.04
N ASP A 22 -10.26 0.32 -7.21
CA ASP A 22 -11.53 -0.38 -7.21
C ASP A 22 -11.69 -1.28 -5.98
N ASN A 23 -11.52 -0.71 -4.79
CA ASN A 23 -11.66 -1.44 -3.51
C ASN A 23 -10.74 -2.65 -3.47
N LYS A 24 -9.53 -2.52 -4.02
CA LYS A 24 -8.53 -3.56 -4.05
C LYS A 24 -7.22 -2.88 -3.80
N LEU A 25 -6.52 -3.30 -2.75
CA LEU A 25 -5.22 -2.76 -2.38
C LEU A 25 -4.35 -2.82 -3.60
N LYS A 26 -3.97 -1.64 -4.09
CA LYS A 26 -3.10 -1.60 -5.27
C LYS A 26 -1.74 -0.99 -4.93
N TYR A 27 -0.81 -1.09 -5.86
CA TYR A 27 0.53 -0.55 -5.76
C TYR A 27 0.84 0.12 -7.09
N LYS A 28 1.68 1.14 -7.05
CA LYS A 28 2.13 1.94 -8.17
C LYS A 28 3.60 2.21 -7.97
N THR A 29 4.37 2.29 -9.03
CA THR A 29 5.80 2.54 -9.02
C THR A 29 6.21 2.68 -10.49
N ASN A 30 7.50 2.92 -10.72
CA ASN A 30 8.10 3.06 -12.04
C ASN A 30 9.08 1.93 -12.27
N ARG A 31 9.40 1.12 -11.24
CA ARG A 31 10.32 0.00 -11.34
C ARG A 31 9.53 -1.29 -11.26
N ASP A 32 10.06 -2.35 -11.84
CA ASP A 32 9.43 -3.68 -11.90
C ASP A 32 10.23 -4.74 -11.13
N SER A 33 11.38 -4.39 -10.57
CA SER A 33 12.23 -5.31 -9.82
C SER A 33 11.99 -5.19 -8.30
N ILE A 34 10.78 -4.81 -7.89
CA ILE A 34 10.42 -4.66 -6.48
C ILE A 34 10.52 -6.00 -5.74
N PRO A 35 10.72 -5.98 -4.41
CA PRO A 35 10.85 -7.20 -3.61
C PRO A 35 9.52 -7.92 -3.42
N SER A 36 9.54 -9.25 -3.54
CA SER A 36 8.36 -10.10 -3.37
C SER A 36 7.75 -9.95 -1.97
N GLU A 37 8.53 -9.55 -0.97
CA GLU A 37 8.05 -9.37 0.39
C GLU A 37 6.89 -8.39 0.42
N LEU A 38 6.90 -7.38 -0.47
CA LEU A 38 5.85 -6.39 -0.56
C LEU A 38 4.62 -7.09 -1.14
N LEU A 39 4.75 -7.82 -2.25
CA LEU A 39 3.61 -8.52 -2.88
C LEU A 39 2.96 -9.50 -1.91
N GLU A 40 3.74 -10.03 -0.98
CA GLU A 40 3.30 -10.98 0.01
C GLU A 40 2.59 -10.25 1.16
N GLU A 41 3.26 -9.27 1.76
CA GLU A 41 2.69 -8.52 2.88
C GLU A 41 1.44 -7.73 2.46
N TRP A 42 1.43 -7.18 1.25
CA TRP A 42 0.30 -6.41 0.73
C TRP A 42 -0.96 -7.25 0.63
N LYS A 43 -0.80 -8.53 0.33
CA LYS A 43 -1.91 -9.48 0.22
C LYS A 43 -2.30 -9.98 1.61
N GLN A 44 -1.32 -10.07 2.52
CA GLN A 44 -1.54 -10.54 3.89
C GLN A 44 -2.33 -9.53 4.71
N HIS A 45 -2.14 -8.26 4.40
CA HIS A 45 -2.78 -7.15 5.08
C HIS A 45 -3.64 -6.35 4.10
N LYS A 46 -4.13 -6.98 3.03
CA LYS A 46 -4.93 -6.33 2.00
C LYS A 46 -6.15 -5.64 2.55
N GLN A 47 -6.81 -6.21 3.54
CA GLN A 47 -8.01 -5.66 4.11
C GLN A 47 -7.73 -4.37 4.86
N GLU A 48 -6.80 -4.40 5.80
CA GLU A 48 -6.42 -3.26 6.63
C GLU A 48 -5.72 -2.20 5.78
N LEU A 49 -4.97 -2.61 4.75
CA LEU A 49 -4.29 -1.70 3.84
C LEU A 49 -5.34 -0.90 3.08
N ILE A 50 -6.44 -1.54 2.68
CA ILE A 50 -7.49 -0.84 1.94
C ILE A 50 -8.15 0.12 2.91
N ASP A 51 -8.52 -0.34 4.09
CA ASP A 51 -9.21 0.48 5.09
C ASP A 51 -8.43 1.75 5.40
N PHE A 52 -7.11 1.64 5.54
CA PHE A 52 -6.23 2.76 5.85
C PHE A 52 -5.99 3.65 4.64
N LEU A 53 -5.89 3.08 3.44
CA LEU A 53 -5.64 3.87 2.25
C LEU A 53 -6.89 4.59 1.78
N THR A 54 -8.03 3.90 1.78
CA THR A 54 -9.29 4.44 1.33
C THR A 54 -9.77 5.56 2.25
N GLN A 55 -9.48 5.48 3.56
CA GLN A 55 -9.90 6.52 4.49
C GLN A 55 -8.99 7.74 4.36
N LEU A 56 -7.77 7.58 3.84
CA LEU A 56 -6.83 8.66 3.67
C LEU A 56 -7.15 9.32 2.33
N GLU A 57 -7.55 8.54 1.32
CA GLU A 57 -7.93 9.03 -0.01
C GLU A 57 -9.11 10.01 0.14
N SER A 58 -9.88 9.88 1.23
CA SER A 58 -11.01 10.73 1.54
C SER A 58 -10.55 12.17 1.80
N GLU A 59 -9.30 12.39 2.22
CA GLU A 59 -8.74 13.71 2.47
C GLU A 59 -8.11 14.21 1.17
N GLU A 60 -8.33 15.48 0.85
CA GLU A 60 -7.79 16.09 -0.35
C GLU A 60 -6.27 16.15 -0.29
N GLU A 61 -5.72 16.47 0.90
CA GLU A 61 -4.29 16.59 1.15
C GLU A 61 -4.05 16.48 2.65
N SER A 62 -3.49 15.35 3.07
CA SER A 62 -3.13 15.02 4.45
C SER A 62 -1.80 15.66 4.80
N MET A 1 3.47 -8.56 13.98
CA MET A 1 3.29 -7.29 14.70
C MET A 1 3.43 -6.09 13.77
N LYS A 2 2.46 -5.84 12.89
CA LYS A 2 2.49 -4.69 11.97
C LYS A 2 1.08 -4.32 11.57
N ASN A 3 0.97 -3.14 10.99
CA ASN A 3 -0.24 -2.49 10.54
C ASN A 3 -0.08 -2.01 9.11
N ALA A 4 -1.18 -1.56 8.50
CA ALA A 4 -1.22 -1.06 7.14
C ALA A 4 -0.15 0.01 6.88
N ALA A 5 -0.13 1.08 7.69
CA ALA A 5 0.84 2.16 7.51
C ALA A 5 2.28 1.66 7.58
N LYS A 6 2.54 0.64 8.39
CA LYS A 6 3.87 0.04 8.55
C LYS A 6 4.40 -0.38 7.19
N ILE A 7 3.63 -1.20 6.47
CA ILE A 7 4.02 -1.68 5.14
C ILE A 7 3.94 -0.54 4.11
N VAL A 8 3.06 0.45 4.29
CA VAL A 8 2.95 1.58 3.37
C VAL A 8 4.25 2.38 3.40
N ASN A 9 4.72 2.73 4.59
CA ASN A 9 5.94 3.50 4.76
C ASN A 9 7.10 2.84 4.04
N GLU A 10 7.14 1.51 4.10
CA GLU A 10 8.17 0.70 3.46
C GLU A 10 8.05 0.82 1.95
N ALA A 11 6.84 0.74 1.40
CA ALA A 11 6.62 0.82 -0.03
C ALA A 11 7.18 2.15 -0.54
N LEU A 12 6.82 3.26 0.11
CA LEU A 12 7.28 4.57 -0.31
C LEU A 12 8.80 4.67 -0.32
N ASN A 13 9.48 4.07 0.67
CA ASN A 13 10.94 4.08 0.76
C ASN A 13 11.51 3.37 -0.48
N GLN A 14 10.92 2.23 -0.86
CA GLN A 14 11.35 1.46 -2.02
C GLN A 14 10.84 2.12 -3.33
N GLY A 15 10.23 3.30 -3.28
CA GLY A 15 9.74 4.03 -4.44
C GLY A 15 8.44 3.46 -4.98
N ILE A 16 7.54 3.02 -4.11
CA ILE A 16 6.27 2.41 -4.48
C ILE A 16 5.14 3.10 -3.73
N THR A 17 4.16 3.59 -4.47
CA THR A 17 2.98 4.25 -3.96
C THR A 17 1.91 3.18 -3.84
N LEU A 18 1.33 3.00 -2.66
CA LEU A 18 0.26 2.05 -2.46
C LEU A 18 -1.02 2.87 -2.52
N PHE A 19 -1.96 2.43 -3.35
CA PHE A 19 -3.22 3.10 -3.53
C PHE A 19 -4.26 2.03 -3.78
N VAL A 20 -5.50 2.23 -3.34
CA VAL A 20 -6.55 1.26 -3.56
C VAL A 20 -7.26 1.66 -4.85
N SER A 21 -7.62 0.69 -5.68
CA SER A 21 -8.31 0.88 -6.95
C SER A 21 -9.49 -0.08 -6.86
N ASP A 22 -10.72 0.45 -6.92
CA ASP A 22 -11.96 -0.30 -6.83
C ASP A 22 -12.02 -1.10 -5.55
N ASN A 23 -11.72 -0.41 -4.44
CA ASN A 23 -11.73 -0.99 -3.09
C ASN A 23 -10.81 -2.18 -2.96
N LYS A 24 -9.75 -2.21 -3.76
CA LYS A 24 -8.78 -3.28 -3.78
C LYS A 24 -7.39 -2.68 -3.72
N LEU A 25 -6.61 -3.16 -2.76
CA LEU A 25 -5.24 -2.75 -2.53
C LEU A 25 -4.42 -2.94 -3.80
N LYS A 26 -3.86 -1.85 -4.31
CA LYS A 26 -3.02 -1.80 -5.50
C LYS A 26 -1.72 -1.10 -5.14
N TYR A 27 -0.76 -1.17 -6.06
CA TYR A 27 0.55 -0.55 -5.91
C TYR A 27 0.89 0.15 -7.24
N LYS A 28 1.76 1.16 -7.19
CA LYS A 28 2.20 1.97 -8.32
C LYS A 28 3.67 2.30 -8.20
N THR A 29 4.45 2.01 -9.22
CA THR A 29 5.87 2.29 -9.25
C THR A 29 6.28 2.34 -10.73
N ASN A 30 7.53 2.74 -10.96
CA ASN A 30 8.11 2.85 -12.29
C ASN A 30 9.27 1.86 -12.44
N ARG A 31 9.31 0.82 -11.60
CA ARG A 31 10.33 -0.22 -11.62
C ARG A 31 9.64 -1.56 -11.43
N ASP A 32 10.28 -2.63 -11.88
CA ASP A 32 9.74 -3.99 -11.79
C ASP A 32 10.61 -4.89 -10.91
N SER A 33 11.77 -4.40 -10.48
CA SER A 33 12.74 -5.11 -9.65
C SER A 33 12.42 -4.96 -8.14
N ILE A 34 11.13 -4.85 -7.80
CA ILE A 34 10.70 -4.69 -6.42
C ILE A 34 10.84 -6.01 -5.64
N PRO A 35 10.96 -5.93 -4.30
CA PRO A 35 11.12 -7.11 -3.45
C PRO A 35 9.81 -7.89 -3.39
N SER A 36 9.90 -9.22 -3.52
CA SER A 36 8.74 -10.10 -3.48
C SER A 36 7.94 -9.97 -2.19
N GLU A 37 8.60 -9.59 -1.10
CA GLU A 37 8.01 -9.43 0.21
C GLU A 37 6.85 -8.44 0.20
N LEU A 38 6.96 -7.39 -0.62
CA LEU A 38 5.93 -6.36 -0.72
C LEU A 38 4.65 -6.98 -1.26
N LEU A 39 4.71 -7.65 -2.42
CA LEU A 39 3.55 -8.26 -3.05
C LEU A 39 2.83 -9.24 -2.12
N GLU A 40 3.61 -9.96 -1.32
CA GLU A 40 3.14 -10.95 -0.38
C GLU A 40 2.48 -10.27 0.84
N GLU A 41 3.18 -9.35 1.49
CA GLU A 41 2.69 -8.65 2.67
C GLU A 41 1.46 -7.81 2.34
N TRP A 42 1.45 -7.22 1.15
CA TRP A 42 0.35 -6.40 0.67
C TRP A 42 -0.93 -7.21 0.57
N LYS A 43 -0.82 -8.50 0.29
CA LYS A 43 -1.93 -9.44 0.16
C LYS A 43 -2.35 -9.95 1.54
N GLN A 44 -1.41 -10.05 2.46
CA GLN A 44 -1.66 -10.53 3.81
C GLN A 44 -2.49 -9.48 4.54
N HIS A 45 -1.97 -8.25 4.58
CA HIS A 45 -2.57 -7.10 5.23
C HIS A 45 -3.46 -6.31 4.28
N LYS A 46 -3.94 -6.92 3.19
CA LYS A 46 -4.75 -6.21 2.20
C LYS A 46 -6.01 -5.59 2.78
N GLN A 47 -6.64 -6.23 3.75
CA GLN A 47 -7.86 -5.72 4.34
C GLN A 47 -7.59 -4.38 5.02
N GLU A 48 -6.62 -4.36 5.94
CA GLU A 48 -6.28 -3.13 6.66
C GLU A 48 -5.67 -2.11 5.71
N LEU A 49 -4.90 -2.56 4.70
CA LEU A 49 -4.28 -1.67 3.73
C LEU A 49 -5.35 -0.88 2.98
N ILE A 50 -6.47 -1.51 2.60
CA ILE A 50 -7.55 -0.84 1.89
C ILE A 50 -8.15 0.16 2.86
N ASP A 51 -8.55 -0.28 4.06
CA ASP A 51 -9.19 0.57 5.06
C ASP A 51 -8.39 1.83 5.40
N PHE A 52 -7.08 1.69 5.55
CA PHE A 52 -6.15 2.75 5.89
C PHE A 52 -5.82 3.65 4.71
N LEU A 53 -5.82 3.11 3.49
CA LEU A 53 -5.51 3.92 2.32
C LEU A 53 -6.77 4.62 1.78
N THR A 54 -7.90 3.93 1.74
CA THR A 54 -9.17 4.44 1.24
C THR A 54 -9.69 5.55 2.17
N GLN A 55 -9.33 5.55 3.46
CA GLN A 55 -9.79 6.60 4.36
C GLN A 55 -9.03 7.87 4.04
N LEU A 56 -7.77 7.71 3.64
CA LEU A 56 -6.82 8.72 3.28
C LEU A 56 -7.20 9.27 1.90
N GLU A 57 -7.66 8.43 0.96
CA GLU A 57 -8.05 8.85 -0.39
C GLU A 57 -9.21 9.87 -0.39
N SER A 58 -9.94 9.98 0.72
CA SER A 58 -11.04 10.93 0.85
C SER A 58 -10.54 12.28 1.39
N GLU A 59 -9.40 12.27 2.07
CA GLU A 59 -8.74 13.45 2.62
C GLU A 59 -7.89 14.05 1.49
N GLU A 60 -7.67 15.36 1.55
CA GLU A 60 -6.91 16.11 0.55
C GLU A 60 -5.99 17.15 1.22
N GLU A 61 -5.96 17.18 2.56
CA GLU A 61 -5.18 18.09 3.38
C GLU A 61 -4.61 17.24 4.51
N SER A 62 -3.40 16.70 4.35
CA SER A 62 -2.76 15.86 5.36
C SER A 62 -1.29 16.23 5.40
N MET A 1 5.11 -8.37 13.85
CA MET A 1 3.76 -7.97 13.40
C MET A 1 3.83 -6.56 12.82
N LYS A 2 3.12 -6.31 11.73
CA LYS A 2 3.05 -5.01 11.05
C LYS A 2 1.59 -4.58 10.92
N ASN A 3 1.38 -3.39 10.38
CA ASN A 3 0.07 -2.79 10.14
C ASN A 3 0.12 -2.10 8.79
N ALA A 4 -1.04 -1.76 8.25
CA ALA A 4 -1.21 -1.08 6.97
C ALA A 4 -0.20 0.06 6.75
N ALA A 5 -0.13 1.02 7.66
CA ALA A 5 0.76 2.17 7.53
C ALA A 5 2.21 1.74 7.43
N LYS A 6 2.58 0.71 8.19
CA LYS A 6 3.96 0.23 8.19
C LYS A 6 4.40 -0.15 6.79
N ILE A 7 3.60 -0.95 6.09
CA ILE A 7 3.92 -1.41 4.74
C ILE A 7 3.80 -0.27 3.72
N VAL A 8 2.93 0.71 3.96
CA VAL A 8 2.81 1.84 3.04
C VAL A 8 4.15 2.58 3.02
N ASN A 9 4.63 2.99 4.19
CA ASN A 9 5.89 3.71 4.34
C ASN A 9 7.08 2.94 3.78
N GLU A 10 7.07 1.62 3.92
CA GLU A 10 8.15 0.79 3.42
C GLU A 10 8.09 0.73 1.89
N ALA A 11 6.87 0.70 1.34
CA ALA A 11 6.69 0.68 -0.11
C ALA A 11 7.27 2.00 -0.63
N LEU A 12 6.94 3.12 0.02
CA LEU A 12 7.44 4.44 -0.38
C LEU A 12 8.96 4.43 -0.36
N ASN A 13 9.56 3.77 0.65
CA ASN A 13 11.00 3.67 0.78
C ASN A 13 11.64 2.98 -0.42
N GLN A 14 10.96 2.00 -1.04
CA GLN A 14 11.43 1.27 -2.22
C GLN A 14 10.93 1.96 -3.51
N GLY A 15 10.35 3.17 -3.40
CA GLY A 15 9.84 3.96 -4.51
C GLY A 15 8.54 3.41 -5.06
N ILE A 16 7.63 3.01 -4.18
CA ILE A 16 6.36 2.41 -4.54
C ILE A 16 5.23 3.09 -3.76
N THR A 17 4.22 3.51 -4.49
CA THR A 17 3.04 4.17 -4.00
C THR A 17 1.90 3.16 -3.87
N LEU A 18 1.45 2.87 -2.65
CA LEU A 18 0.33 1.98 -2.45
C LEU A 18 -0.90 2.88 -2.47
N PHE A 19 -1.90 2.51 -3.24
CA PHE A 19 -3.17 3.21 -3.40
C PHE A 19 -4.15 2.10 -3.74
N VAL A 20 -5.42 2.20 -3.45
CA VAL A 20 -6.41 1.18 -3.73
C VAL A 20 -7.28 1.70 -4.87
N SER A 21 -7.75 0.79 -5.72
CA SER A 21 -8.62 1.05 -6.83
C SER A 21 -9.70 -0.02 -6.78
N ASP A 22 -10.95 0.38 -6.91
CA ASP A 22 -12.15 -0.45 -6.89
C ASP A 22 -12.20 -1.40 -5.69
N ASN A 23 -11.83 -0.89 -4.51
CA ASN A 23 -11.83 -1.65 -3.26
C ASN A 23 -10.82 -2.78 -3.32
N LYS A 24 -9.72 -2.56 -4.03
CA LYS A 24 -8.67 -3.54 -4.18
C LYS A 24 -7.36 -2.82 -4.02
N LEU A 25 -6.57 -3.29 -3.08
CA LEU A 25 -5.26 -2.73 -2.78
C LEU A 25 -4.42 -2.74 -4.04
N LYS A 26 -4.11 -1.54 -4.54
CA LYS A 26 -3.25 -1.42 -5.72
C LYS A 26 -1.85 -0.90 -5.31
N TYR A 27 -0.92 -0.88 -6.27
CA TYR A 27 0.45 -0.41 -6.09
C TYR A 27 0.89 0.24 -7.42
N LYS A 28 1.71 1.30 -7.34
CA LYS A 28 2.27 2.08 -8.44
C LYS A 28 3.75 2.26 -8.18
N THR A 29 4.60 2.21 -9.21
CA THR A 29 6.04 2.38 -9.04
C THR A 29 6.65 2.77 -10.39
N ASN A 30 7.97 2.91 -10.44
CA ASN A 30 8.74 3.25 -11.63
C ASN A 30 9.63 2.09 -12.07
N ARG A 31 9.72 1.05 -11.24
CA ARG A 31 10.50 -0.16 -11.48
C ARG A 31 9.65 -1.37 -11.17
N ASP A 32 10.04 -2.52 -11.67
CA ASP A 32 9.33 -3.79 -11.46
C ASP A 32 10.16 -4.75 -10.63
N SER A 33 11.43 -4.44 -10.40
CA SER A 33 12.38 -5.25 -9.63
C SER A 33 12.19 -5.17 -8.11
N ILE A 34 10.99 -4.79 -7.69
CA ILE A 34 10.57 -4.64 -6.31
C ILE A 34 10.64 -5.99 -5.58
N PRO A 35 10.78 -5.99 -4.25
CA PRO A 35 10.86 -7.20 -3.46
C PRO A 35 9.52 -7.91 -3.36
N SER A 36 9.50 -9.24 -3.52
CA SER A 36 8.26 -10.01 -3.42
C SER A 36 7.64 -9.86 -2.02
N GLU A 37 8.42 -9.48 -1.00
CA GLU A 37 7.88 -9.30 0.33
C GLU A 37 6.77 -8.27 0.32
N LEU A 38 6.83 -7.27 -0.56
CA LEU A 38 5.80 -6.25 -0.66
C LEU A 38 4.55 -6.93 -1.19
N LEU A 39 4.65 -7.61 -2.34
CA LEU A 39 3.51 -8.29 -2.96
C LEU A 39 2.83 -9.28 -2.01
N GLU A 40 3.62 -9.89 -1.13
CA GLU A 40 3.17 -10.86 -0.16
C GLU A 40 2.57 -10.18 1.06
N GLU A 41 3.27 -9.23 1.69
CA GLU A 41 2.81 -8.50 2.87
C GLU A 41 1.54 -7.71 2.55
N TRP A 42 1.45 -7.18 1.32
CA TRP A 42 0.30 -6.43 0.87
C TRP A 42 -0.93 -7.32 0.91
N LYS A 43 -0.77 -8.60 0.59
CA LYS A 43 -1.86 -9.57 0.61
C LYS A 43 -2.14 -9.95 2.07
N GLN A 44 -1.10 -10.08 2.89
CA GLN A 44 -1.23 -10.45 4.29
C GLN A 44 -2.06 -9.40 5.02
N HIS A 45 -1.88 -8.12 4.69
CA HIS A 45 -2.58 -7.00 5.29
C HIS A 45 -3.53 -6.29 4.30
N LYS A 46 -3.97 -6.94 3.22
CA LYS A 46 -4.85 -6.31 2.22
C LYS A 46 -6.10 -5.69 2.80
N GLN A 47 -6.74 -6.39 3.73
CA GLN A 47 -7.96 -5.91 4.34
C GLN A 47 -7.78 -4.56 5.03
N GLU A 48 -6.77 -4.46 5.89
CA GLU A 48 -6.50 -3.22 6.62
C GLU A 48 -5.83 -2.18 5.72
N LEU A 49 -5.01 -2.59 4.75
CA LEU A 49 -4.34 -1.68 3.83
C LEU A 49 -5.37 -0.92 3.02
N ILE A 50 -6.43 -1.59 2.57
CA ILE A 50 -7.49 -0.99 1.79
C ILE A 50 -8.15 0.05 2.66
N ASP A 51 -8.53 -0.34 3.86
CA ASP A 51 -9.20 0.50 4.84
C ASP A 51 -8.41 1.76 5.18
N PHE A 52 -7.12 1.60 5.42
CA PHE A 52 -6.20 2.67 5.77
C PHE A 52 -5.87 3.58 4.60
N LEU A 53 -5.82 3.04 3.39
CA LEU A 53 -5.51 3.82 2.21
C LEU A 53 -6.74 4.58 1.74
N THR A 54 -7.89 3.92 1.69
CA THR A 54 -9.13 4.54 1.24
C THR A 54 -9.64 5.60 2.23
N GLN A 55 -9.31 5.50 3.51
CA GLN A 55 -9.75 6.50 4.48
C GLN A 55 -8.87 7.76 4.36
N LEU A 56 -7.62 7.58 3.91
CA LEU A 56 -6.68 8.68 3.73
C LEU A 56 -7.06 9.39 2.43
N GLU A 57 -7.46 8.63 1.40
CA GLU A 57 -7.85 9.18 0.10
C GLU A 57 -9.13 10.05 0.22
N SER A 58 -9.85 9.99 1.34
CA SER A 58 -11.05 10.78 1.60
C SER A 58 -10.64 12.25 1.87
N GLU A 59 -9.36 12.45 2.19
CA GLU A 59 -8.76 13.75 2.47
C GLU A 59 -8.62 14.54 1.15
N GLU A 60 -8.20 15.79 1.24
CA GLU A 60 -8.02 16.76 0.17
C GLU A 60 -6.55 17.17 0.08
N GLU A 61 -5.63 16.24 0.33
CA GLU A 61 -4.17 16.48 0.31
C GLU A 61 -3.59 16.92 -1.04
N SER A 62 -4.33 16.73 -2.13
CA SER A 62 -3.93 17.07 -3.49
C SER A 62 -5.19 17.64 -4.12
N MET A 1 3.08 -7.26 15.86
CA MET A 1 2.48 -7.34 14.52
C MET A 1 2.43 -5.95 13.90
N LYS A 2 2.61 -5.90 12.60
CA LYS A 2 2.58 -4.66 11.83
C LYS A 2 1.16 -4.32 11.44
N ASN A 3 1.03 -3.15 10.84
CA ASN A 3 -0.20 -2.52 10.39
C ASN A 3 -0.03 -1.98 8.98
N ALA A 4 -1.14 -1.58 8.36
CA ALA A 4 -1.19 -1.04 7.01
C ALA A 4 -0.13 0.03 6.75
N ALA A 5 -0.03 1.06 7.60
CA ALA A 5 0.94 2.13 7.40
C ALA A 5 2.37 1.61 7.42
N LYS A 6 2.62 0.55 8.19
CA LYS A 6 3.94 -0.03 8.29
C LYS A 6 4.41 -0.44 6.89
N ILE A 7 3.63 -1.27 6.19
CA ILE A 7 3.99 -1.75 4.85
C ILE A 7 4.01 -0.58 3.84
N VAL A 8 3.10 0.39 3.98
CA VAL A 8 3.03 1.55 3.09
C VAL A 8 4.34 2.32 3.15
N ASN A 9 4.84 2.59 4.36
CA ASN A 9 6.09 3.33 4.53
C ASN A 9 7.24 2.65 3.81
N GLU A 10 7.29 1.32 3.81
CA GLU A 10 8.34 0.58 3.15
C GLU A 10 8.16 0.69 1.64
N ALA A 11 6.92 0.68 1.16
CA ALA A 11 6.65 0.78 -0.26
C ALA A 11 7.22 2.10 -0.74
N LEU A 12 6.90 3.22 -0.07
CA LEU A 12 7.38 4.53 -0.48
C LEU A 12 8.91 4.57 -0.53
N ASN A 13 9.58 3.97 0.47
CA ASN A 13 11.06 3.94 0.54
C ASN A 13 11.64 3.23 -0.68
N GLN A 14 10.99 2.14 -1.13
CA GLN A 14 11.41 1.37 -2.30
C GLN A 14 10.94 2.03 -3.61
N GLY A 15 10.27 3.18 -3.54
CA GLY A 15 9.77 3.91 -4.70
C GLY A 15 8.47 3.33 -5.20
N ILE A 16 7.56 2.98 -4.29
CA ILE A 16 6.27 2.38 -4.62
C ILE A 16 5.15 3.07 -3.85
N THR A 17 4.11 3.48 -4.55
CA THR A 17 2.94 4.13 -4.01
C THR A 17 1.83 3.10 -3.86
N LEU A 18 1.47 2.77 -2.63
CA LEU A 18 0.36 1.85 -2.40
C LEU A 18 -0.87 2.76 -2.40
N PHE A 19 -1.93 2.30 -3.06
CA PHE A 19 -3.20 3.01 -3.18
C PHE A 19 -4.27 1.94 -3.45
N VAL A 20 -5.53 2.28 -3.32
CA VAL A 20 -6.62 1.37 -3.58
C VAL A 20 -7.41 1.89 -4.78
N SER A 21 -7.96 0.96 -5.56
CA SER A 21 -8.79 1.15 -6.72
C SER A 21 -9.97 0.22 -6.53
N ASP A 22 -11.21 0.69 -6.69
CA ASP A 22 -12.44 -0.09 -6.55
C ASP A 22 -12.45 -0.98 -5.30
N ASN A 23 -12.04 -0.42 -4.16
CA ASN A 23 -11.99 -1.10 -2.86
C ASN A 23 -11.01 -2.27 -2.88
N LYS A 24 -9.95 -2.16 -3.67
CA LYS A 24 -8.94 -3.19 -3.79
C LYS A 24 -7.56 -2.57 -3.72
N LEU A 25 -6.73 -3.13 -2.85
CA LEU A 25 -5.36 -2.71 -2.66
C LEU A 25 -4.63 -2.92 -3.98
N LYS A 26 -4.01 -1.86 -4.44
CA LYS A 26 -3.22 -1.76 -5.65
C LYS A 26 -1.85 -1.21 -5.27
N TYR A 27 -0.92 -1.18 -6.23
CA TYR A 27 0.43 -0.66 -6.03
C TYR A 27 0.88 -0.02 -7.35
N LYS A 28 1.58 1.11 -7.29
CA LYS A 28 2.13 1.85 -8.42
C LYS A 28 3.60 2.07 -8.09
N THR A 29 4.43 2.25 -9.11
CA THR A 29 5.86 2.45 -8.96
C THR A 29 6.41 2.73 -10.37
N ASN A 30 7.65 3.17 -10.47
CA ASN A 30 8.31 3.44 -11.74
C ASN A 30 9.33 2.33 -12.04
N ARG A 31 9.44 1.31 -11.19
CA ARG A 31 10.32 0.17 -11.32
C ARG A 31 9.46 -1.08 -11.17
N ASP A 32 10.02 -2.23 -11.48
CA ASP A 32 9.36 -3.53 -11.39
C ASP A 32 10.22 -4.53 -10.61
N SER A 33 11.45 -4.16 -10.28
CA SER A 33 12.42 -4.97 -9.56
C SER A 33 12.22 -4.78 -8.04
N ILE A 34 10.97 -4.75 -7.58
CA ILE A 34 10.60 -4.56 -6.17
C ILE A 34 10.83 -5.83 -5.34
N PRO A 35 10.96 -5.75 -4.00
CA PRO A 35 11.17 -6.93 -3.15
C PRO A 35 9.85 -7.71 -3.03
N SER A 36 9.89 -9.02 -3.20
CA SER A 36 8.69 -9.84 -3.11
C SER A 36 8.02 -9.74 -1.73
N GLU A 37 8.74 -9.32 -0.68
CA GLU A 37 8.19 -9.19 0.66
C GLU A 37 6.97 -8.26 0.65
N LEU A 38 6.97 -7.25 -0.22
CA LEU A 38 5.88 -6.29 -0.37
C LEU A 38 4.69 -7.03 -0.94
N LEU A 39 4.86 -7.73 -2.07
CA LEU A 39 3.78 -8.48 -2.72
C LEU A 39 3.11 -9.44 -1.75
N GLU A 40 3.92 -10.13 -0.95
CA GLU A 40 3.46 -11.09 0.01
C GLU A 40 2.67 -10.42 1.12
N GLU A 41 3.27 -9.42 1.77
CA GLU A 41 2.63 -8.73 2.86
C GLU A 41 1.38 -7.98 2.44
N TRP A 42 1.38 -7.44 1.21
CA TRP A 42 0.24 -6.72 0.69
C TRP A 42 -0.95 -7.65 0.66
N LYS A 43 -0.78 -8.90 0.26
CA LYS A 43 -1.83 -9.89 0.21
C LYS A 43 -2.23 -10.31 1.64
N GLN A 44 -1.30 -10.31 2.59
CA GLN A 44 -1.56 -10.70 3.97
C GLN A 44 -2.42 -9.65 4.68
N HIS A 45 -2.11 -8.36 4.52
CA HIS A 45 -2.83 -7.26 5.15
C HIS A 45 -3.69 -6.48 4.15
N LYS A 46 -4.04 -7.05 3.01
CA LYS A 46 -4.83 -6.41 1.95
C LYS A 46 -6.07 -5.69 2.46
N GLN A 47 -6.83 -6.35 3.32
CA GLN A 47 -8.06 -5.79 3.85
C GLN A 47 -7.81 -4.56 4.73
N GLU A 48 -6.75 -4.56 5.54
CA GLU A 48 -6.42 -3.44 6.42
C GLU A 48 -5.83 -2.30 5.59
N LEU A 49 -4.98 -2.68 4.65
CA LEU A 49 -4.29 -1.78 3.73
C LEU A 49 -5.30 -0.94 2.97
N ILE A 50 -6.40 -1.52 2.53
CA ILE A 50 -7.46 -0.85 1.79
C ILE A 50 -8.07 0.18 2.73
N ASP A 51 -8.51 -0.25 3.91
CA ASP A 51 -9.17 0.60 4.90
C ASP A 51 -8.35 1.82 5.30
N PHE A 52 -7.04 1.64 5.46
CA PHE A 52 -6.13 2.70 5.82
C PHE A 52 -5.78 3.58 4.63
N LEU A 53 -5.64 3.05 3.43
CA LEU A 53 -5.30 3.88 2.28
C LEU A 53 -6.49 4.63 1.73
N THR A 54 -7.65 4.01 1.73
CA THR A 54 -8.86 4.60 1.22
C THR A 54 -9.33 5.77 2.04
N GLN A 55 -9.07 5.75 3.34
CA GLN A 55 -9.49 6.85 4.18
C GLN A 55 -8.67 8.08 3.78
N LEU A 56 -7.40 7.88 3.38
CA LEU A 56 -6.54 9.00 3.00
C LEU A 56 -6.93 9.51 1.63
N GLU A 57 -7.54 8.64 0.82
CA GLU A 57 -8.01 8.95 -0.52
C GLU A 57 -9.47 9.45 -0.50
N SER A 58 -10.04 9.63 0.69
CA SER A 58 -11.42 10.08 0.87
C SER A 58 -11.52 11.26 1.85
N GLU A 59 -10.60 11.38 2.81
CA GLU A 59 -10.56 12.44 3.80
C GLU A 59 -10.25 13.74 3.05
N GLU A 60 -11.26 14.56 2.83
CA GLU A 60 -11.16 15.84 2.12
C GLU A 60 -11.03 17.00 3.11
N GLU A 61 -11.37 16.79 4.40
CA GLU A 61 -11.30 17.84 5.41
C GLU A 61 -10.57 17.41 6.69
N SER A 62 -10.62 16.12 7.03
CA SER A 62 -9.98 15.59 8.23
C SER A 62 -8.49 15.93 8.30
N MET A 1 5.53 -7.33 14.89
CA MET A 1 4.28 -7.00 14.21
C MET A 1 4.40 -5.67 13.49
N LYS A 2 3.54 -5.46 12.49
CA LYS A 2 3.44 -4.26 11.67
C LYS A 2 1.96 -4.05 11.37
N ASN A 3 1.65 -2.91 10.75
CA ASN A 3 0.29 -2.49 10.40
C ASN A 3 0.27 -1.87 9.01
N ALA A 4 -0.93 -1.60 8.47
CA ALA A 4 -1.15 -1.02 7.14
C ALA A 4 -0.22 0.15 6.83
N ALA A 5 -0.15 1.15 7.71
CA ALA A 5 0.69 2.32 7.51
C ALA A 5 2.15 1.91 7.40
N LYS A 6 2.59 0.94 8.22
CA LYS A 6 3.97 0.51 8.16
C LYS A 6 4.34 0.06 6.76
N ILE A 7 3.52 -0.78 6.15
CA ILE A 7 3.78 -1.27 4.81
C ILE A 7 3.79 -0.13 3.80
N VAL A 8 2.93 0.88 3.99
CA VAL A 8 2.90 2.03 3.10
C VAL A 8 4.27 2.70 3.18
N ASN A 9 4.72 3.06 4.37
CA ASN A 9 6.02 3.71 4.58
C ASN A 9 7.16 2.90 3.96
N GLU A 10 7.09 1.57 4.07
CA GLU A 10 8.09 0.68 3.51
C GLU A 10 8.05 0.70 1.99
N ALA A 11 6.85 0.74 1.39
CA ALA A 11 6.69 0.78 -0.05
C ALA A 11 7.28 2.08 -0.58
N LEU A 12 6.93 3.21 0.05
CA LEU A 12 7.42 4.52 -0.36
C LEU A 12 8.94 4.55 -0.33
N ASN A 13 9.56 3.93 0.68
CA ASN A 13 11.01 3.90 0.83
C ASN A 13 11.67 3.21 -0.36
N GLN A 14 11.08 2.14 -0.88
CA GLN A 14 11.62 1.43 -2.05
C GLN A 14 11.21 2.12 -3.37
N GLY A 15 10.41 3.19 -3.29
CA GLY A 15 9.94 3.95 -4.42
C GLY A 15 8.68 3.34 -5.01
N ILE A 16 7.72 2.96 -4.16
CA ILE A 16 6.46 2.35 -4.57
C ILE A 16 5.35 3.05 -3.82
N THR A 17 4.25 3.35 -4.50
CA THR A 17 3.08 4.01 -3.98
C THR A 17 1.95 3.01 -3.86
N LEU A 18 1.38 2.84 -2.67
CA LEU A 18 0.26 1.94 -2.45
C LEU A 18 -0.96 2.83 -2.53
N PHE A 19 -1.91 2.48 -3.39
CA PHE A 19 -3.16 3.19 -3.58
C PHE A 19 -4.16 2.09 -3.89
N VAL A 20 -5.40 2.19 -3.50
CA VAL A 20 -6.41 1.19 -3.78
C VAL A 20 -7.27 1.73 -4.94
N SER A 21 -7.81 0.83 -5.75
CA SER A 21 -8.69 1.08 -6.88
C SER A 21 -9.82 0.08 -6.71
N ASP A 22 -11.07 0.50 -6.88
CA ASP A 22 -12.28 -0.32 -6.74
C ASP A 22 -12.24 -1.20 -5.49
N ASN A 23 -11.85 -0.64 -4.33
CA ASN A 23 -11.79 -1.38 -3.07
C ASN A 23 -10.84 -2.58 -3.14
N LYS A 24 -9.78 -2.47 -3.95
CA LYS A 24 -8.79 -3.49 -4.15
C LYS A 24 -7.44 -2.82 -4.04
N LEU A 25 -6.63 -3.30 -3.11
CA LEU A 25 -5.30 -2.78 -2.86
C LEU A 25 -4.49 -2.77 -4.14
N LYS A 26 -4.17 -1.58 -4.60
CA LYS A 26 -3.33 -1.46 -5.80
C LYS A 26 -1.95 -0.97 -5.35
N TYR A 27 -0.97 -0.94 -6.27
CA TYR A 27 0.40 -0.50 -6.06
C TYR A 27 0.88 0.07 -7.40
N LYS A 28 1.73 1.09 -7.36
CA LYS A 28 2.33 1.79 -8.50
C LYS A 28 3.80 2.01 -8.16
N THR A 29 4.68 2.06 -9.16
CA THR A 29 6.10 2.28 -8.95
C THR A 29 6.75 2.47 -10.31
N ASN A 30 7.96 3.01 -10.33
CA ASN A 30 8.73 3.25 -11.55
C ASN A 30 9.55 2.02 -11.94
N ARG A 31 9.90 1.15 -11.00
CA ARG A 31 10.65 -0.09 -11.25
C ARG A 31 9.69 -1.24 -11.08
N ASP A 32 10.00 -2.37 -11.69
CA ASP A 32 9.18 -3.58 -11.65
C ASP A 32 9.90 -4.73 -10.94
N SER A 33 11.22 -4.61 -10.73
CA SER A 33 12.00 -5.63 -10.06
C SER A 33 12.02 -5.33 -8.56
N ILE A 34 10.84 -5.17 -7.99
CA ILE A 34 10.57 -4.86 -6.59
C ILE A 34 10.81 -6.08 -5.69
N PRO A 35 10.93 -5.90 -4.35
CA PRO A 35 11.14 -7.03 -3.45
C PRO A 35 9.83 -7.79 -3.32
N SER A 36 9.87 -9.11 -3.50
CA SER A 36 8.68 -9.95 -3.40
C SER A 36 7.99 -9.85 -2.03
N GLU A 37 8.72 -9.44 -0.98
CA GLU A 37 8.17 -9.27 0.36
C GLU A 37 6.98 -8.30 0.33
N LEU A 38 7.00 -7.34 -0.62
CA LEU A 38 5.97 -6.36 -0.76
C LEU A 38 4.66 -6.98 -1.20
N LEU A 39 4.67 -7.74 -2.30
CA LEU A 39 3.48 -8.39 -2.84
C LEU A 39 2.82 -9.32 -1.81
N GLU A 40 3.64 -10.00 -1.02
CA GLU A 40 3.14 -10.93 -0.02
C GLU A 40 2.52 -10.18 1.15
N GLU A 41 3.21 -9.21 1.76
CA GLU A 41 2.65 -8.49 2.89
C GLU A 41 1.38 -7.74 2.46
N TRP A 42 1.34 -7.25 1.23
CA TRP A 42 0.18 -6.55 0.71
C TRP A 42 -1.02 -7.47 0.71
N LYS A 43 -0.87 -8.73 0.31
CA LYS A 43 -1.96 -9.69 0.31
C LYS A 43 -2.30 -10.09 1.75
N GLN A 44 -1.31 -10.21 2.63
CA GLN A 44 -1.52 -10.62 4.01
C GLN A 44 -2.37 -9.56 4.72
N HIS A 45 -2.06 -8.28 4.53
CA HIS A 45 -2.76 -7.18 5.17
C HIS A 45 -3.64 -6.39 4.21
N LYS A 46 -4.07 -6.99 3.10
CA LYS A 46 -4.90 -6.33 2.08
C LYS A 46 -6.13 -5.67 2.66
N GLN A 47 -6.79 -6.33 3.59
CA GLN A 47 -8.00 -5.82 4.20
C GLN A 47 -7.73 -4.52 4.95
N GLU A 48 -6.73 -4.54 5.83
CA GLU A 48 -6.33 -3.42 6.65
C GLU A 48 -5.80 -2.29 5.77
N LEU A 49 -4.96 -2.63 4.79
CA LEU A 49 -4.33 -1.71 3.85
C LEU A 49 -5.35 -0.92 3.05
N ILE A 50 -6.41 -1.58 2.60
CA ILE A 50 -7.47 -0.97 1.82
C ILE A 50 -8.19 0.01 2.72
N ASP A 51 -8.59 -0.40 3.93
CA ASP A 51 -9.31 0.48 4.83
C ASP A 51 -8.47 1.69 5.27
N PHE A 52 -7.15 1.51 5.43
CA PHE A 52 -6.23 2.56 5.82
C PHE A 52 -5.94 3.50 4.65
N LEU A 53 -5.82 2.96 3.43
CA LEU A 53 -5.54 3.78 2.26
C LEU A 53 -6.80 4.54 1.84
N THR A 54 -7.96 3.90 1.82
CA THR A 54 -9.20 4.55 1.42
C THR A 54 -9.62 5.66 2.37
N GLN A 55 -9.35 5.52 3.67
CA GLN A 55 -9.73 6.58 4.61
C GLN A 55 -8.88 7.83 4.42
N LEU A 56 -7.68 7.67 3.86
CA LEU A 56 -6.75 8.75 3.60
C LEU A 56 -7.08 9.35 2.22
N GLU A 57 -7.51 8.51 1.26
CA GLU A 57 -7.88 8.89 -0.11
C GLU A 57 -9.12 9.81 -0.11
N SER A 58 -9.75 9.99 1.05
CA SER A 58 -10.92 10.82 1.29
C SER A 58 -10.51 12.20 1.84
N GLU A 59 -9.28 12.34 2.31
CA GLU A 59 -8.70 13.54 2.87
C GLU A 59 -7.83 14.26 1.84
N GLU A 60 -7.47 15.50 2.16
CA GLU A 60 -6.65 16.40 1.33
C GLU A 60 -5.14 16.08 1.45
N GLU A 61 -4.81 14.95 2.10
CA GLU A 61 -3.48 14.43 2.37
C GLU A 61 -2.62 14.46 1.10
N SER A 62 -3.12 13.84 0.03
CA SER A 62 -2.54 13.77 -1.31
C SER A 62 -3.53 12.98 -2.15
N MET A 1 4.84 -6.87 15.09
CA MET A 1 3.55 -6.81 14.40
C MET A 1 3.46 -5.49 13.66
N LYS A 2 2.98 -5.52 12.42
CA LYS A 2 2.82 -4.32 11.61
C LYS A 2 1.34 -4.06 11.43
N ASN A 3 1.06 -2.93 10.81
CA ASN A 3 -0.23 -2.37 10.51
C ASN A 3 -0.16 -1.81 9.10
N ALA A 4 -1.29 -1.41 8.54
CA ALA A 4 -1.38 -0.87 7.20
C ALA A 4 -0.35 0.24 6.91
N ALA A 5 -0.21 1.21 7.81
CA ALA A 5 0.73 2.31 7.60
C ALA A 5 2.16 1.82 7.50
N LYS A 6 2.51 0.75 8.23
CA LYS A 6 3.84 0.23 8.20
C LYS A 6 4.23 -0.25 6.80
N ILE A 7 3.40 -1.09 6.17
CA ILE A 7 3.72 -1.61 4.85
C ILE A 7 3.74 -0.46 3.83
N VAL A 8 2.93 0.58 4.06
CA VAL A 8 2.88 1.76 3.20
C VAL A 8 4.25 2.44 3.29
N ASN A 9 4.70 2.78 4.51
CA ASN A 9 5.99 3.44 4.75
C ASN A 9 7.14 2.68 4.10
N GLU A 10 7.11 1.35 4.15
CA GLU A 10 8.16 0.53 3.55
C GLU A 10 8.07 0.64 2.02
N ALA A 11 6.86 0.65 1.45
CA ALA A 11 6.70 0.76 0.02
C ALA A 11 7.31 2.08 -0.47
N LEU A 12 6.98 3.19 0.18
CA LEU A 12 7.50 4.51 -0.18
C LEU A 12 9.03 4.52 -0.13
N ASN A 13 9.62 3.87 0.87
CA ASN A 13 11.07 3.78 1.03
C ASN A 13 11.71 3.16 -0.21
N GLN A 14 11.10 2.11 -0.75
CA GLN A 14 11.59 1.43 -1.95
C GLN A 14 11.18 2.19 -3.23
N GLY A 15 10.47 3.31 -3.12
CA GLY A 15 10.02 4.13 -4.24
C GLY A 15 8.74 3.63 -4.85
N ILE A 16 7.83 3.10 -4.02
CA ILE A 16 6.55 2.57 -4.45
C ILE A 16 5.44 3.44 -3.87
N THR A 17 4.25 3.33 -4.42
CA THR A 17 3.06 4.07 -4.02
C THR A 17 1.94 3.05 -3.89
N LEU A 18 1.40 2.86 -2.70
CA LEU A 18 0.29 1.95 -2.50
C LEU A 18 -0.95 2.83 -2.64
N PHE A 19 -1.88 2.41 -3.48
CA PHE A 19 -3.14 3.10 -3.72
C PHE A 19 -4.13 2.02 -4.02
N VAL A 20 -5.36 2.11 -3.57
CA VAL A 20 -6.36 1.09 -3.82
C VAL A 20 -7.21 1.57 -5.01
N SER A 21 -7.65 0.62 -5.82
CA SER A 21 -8.48 0.84 -6.99
C SER A 21 -9.64 -0.14 -6.89
N ASP A 22 -10.87 0.37 -6.73
CA ASP A 22 -12.08 -0.44 -6.63
C ASP A 22 -11.98 -1.45 -5.50
N ASN A 23 -11.64 -0.93 -4.32
CA ASN A 23 -11.54 -1.72 -3.09
C ASN A 23 -10.58 -2.88 -3.19
N LYS A 24 -9.54 -2.71 -4.00
CA LYS A 24 -8.55 -3.70 -4.23
C LYS A 24 -7.24 -2.97 -4.12
N LEU A 25 -6.49 -3.33 -3.08
CA LEU A 25 -5.20 -2.76 -2.80
C LEU A 25 -4.34 -2.82 -4.03
N LYS A 26 -4.03 -1.65 -4.57
CA LYS A 26 -3.15 -1.60 -5.75
C LYS A 26 -1.81 -1.01 -5.33
N TYR A 27 -0.83 -1.05 -6.22
CA TYR A 27 0.51 -0.52 -6.01
C TYR A 27 0.97 0.11 -7.33
N LYS A 28 1.84 1.11 -7.27
CA LYS A 28 2.42 1.83 -8.40
C LYS A 28 3.89 2.02 -8.12
N THR A 29 4.69 2.13 -9.16
CA THR A 29 6.13 2.31 -9.05
C THR A 29 6.64 2.44 -10.48
N ASN A 30 7.69 3.24 -10.69
CA ASN A 30 8.26 3.39 -12.02
C ASN A 30 9.07 2.15 -12.41
N ARG A 31 9.45 1.32 -11.44
CA ARG A 31 10.21 0.09 -11.61
C ARG A 31 9.33 -1.11 -11.35
N ASP A 32 9.72 -2.25 -11.87
CA ASP A 32 9.01 -3.51 -11.73
C ASP A 32 9.82 -4.59 -11.03
N SER A 33 11.08 -4.32 -10.70
CA SER A 33 11.92 -5.28 -10.00
C SER A 33 11.83 -4.96 -8.50
N ILE A 34 10.62 -4.96 -7.96
CA ILE A 34 10.36 -4.67 -6.55
C ILE A 34 10.55 -5.95 -5.71
N PRO A 35 10.77 -5.83 -4.39
CA PRO A 35 10.95 -7.00 -3.54
C PRO A 35 9.64 -7.79 -3.47
N SER A 36 9.73 -9.10 -3.67
CA SER A 36 8.60 -10.01 -3.65
C SER A 36 7.86 -10.00 -2.32
N GLU A 37 8.55 -9.59 -1.25
CA GLU A 37 8.00 -9.51 0.09
C GLU A 37 6.88 -8.48 0.19
N LEU A 38 6.90 -7.44 -0.66
CA LEU A 38 5.87 -6.41 -0.65
C LEU A 38 4.57 -7.02 -1.14
N LEU A 39 4.60 -7.82 -2.21
CA LEU A 39 3.42 -8.43 -2.79
C LEU A 39 2.71 -9.31 -1.76
N GLU A 40 3.50 -9.97 -0.93
CA GLU A 40 3.08 -10.89 0.12
C GLU A 40 2.49 -10.14 1.31
N GLU A 41 3.22 -9.18 1.88
CA GLU A 41 2.74 -8.42 3.03
C GLU A 41 1.47 -7.65 2.64
N TRP A 42 1.43 -7.12 1.42
CA TRP A 42 0.28 -6.38 0.90
C TRP A 42 -0.94 -7.28 0.83
N LYS A 43 -0.77 -8.53 0.43
CA LYS A 43 -1.87 -9.48 0.33
C LYS A 43 -2.29 -9.94 1.73
N GLN A 44 -1.34 -10.14 2.64
CA GLN A 44 -1.57 -10.58 4.01
C GLN A 44 -2.39 -9.54 4.77
N HIS A 45 -2.07 -8.26 4.59
CA HIS A 45 -2.73 -7.13 5.23
C HIS A 45 -3.61 -6.33 4.26
N LYS A 46 -4.07 -6.95 3.17
CA LYS A 46 -4.88 -6.28 2.15
C LYS A 46 -6.11 -5.60 2.73
N GLN A 47 -6.76 -6.22 3.70
CA GLN A 47 -7.95 -5.71 4.31
C GLN A 47 -7.68 -4.40 5.05
N GLU A 48 -6.71 -4.40 5.97
CA GLU A 48 -6.41 -3.18 6.72
C GLU A 48 -5.73 -2.14 5.83
N LEU A 49 -4.95 -2.57 4.83
CA LEU A 49 -4.28 -1.67 3.91
C LEU A 49 -5.30 -0.89 3.13
N ILE A 50 -6.36 -1.54 2.64
CA ILE A 50 -7.41 -0.90 1.87
C ILE A 50 -8.05 0.14 2.76
N ASP A 51 -8.46 -0.21 3.98
CA ASP A 51 -9.10 0.70 4.92
C ASP A 51 -8.29 1.97 5.17
N PHE A 52 -7.01 1.80 5.43
CA PHE A 52 -6.11 2.90 5.69
C PHE A 52 -5.84 3.72 4.45
N LEU A 53 -5.65 3.05 3.31
CA LEU A 53 -5.35 3.71 2.06
C LEU A 53 -6.56 4.39 1.44
N THR A 54 -7.76 3.93 1.75
CA THR A 54 -8.97 4.51 1.21
C THR A 54 -9.47 5.61 2.13
N GLN A 55 -9.30 5.47 3.45
CA GLN A 55 -9.76 6.53 4.33
C GLN A 55 -8.88 7.77 4.12
N LEU A 56 -7.60 7.56 3.79
CA LEU A 56 -6.66 8.63 3.54
C LEU A 56 -6.98 9.23 2.18
N GLU A 57 -7.41 8.41 1.20
CA GLU A 57 -7.77 8.88 -0.13
C GLU A 57 -8.94 9.86 -0.01
N SER A 58 -9.86 9.59 0.94
CA SER A 58 -11.01 10.42 1.23
C SER A 58 -10.59 11.72 1.94
N GLU A 59 -9.44 11.72 2.63
CA GLU A 59 -8.90 12.88 3.35
C GLU A 59 -8.06 13.71 2.37
N GLU A 60 -7.52 14.83 2.85
CA GLU A 60 -6.67 15.76 2.11
C GLU A 60 -6.00 16.75 3.06
N GLU A 61 -6.65 17.07 4.18
CA GLU A 61 -6.13 17.99 5.18
C GLU A 61 -5.09 17.28 6.07
N SER A 62 -5.27 15.99 6.31
CA SER A 62 -4.41 15.13 7.12
C SER A 62 -4.23 13.81 6.37
N MET A 1 3.89 -7.10 14.88
CA MET A 1 2.84 -7.17 13.86
C MET A 1 2.90 -5.89 13.04
N LYS A 2 2.94 -5.97 11.70
CA LYS A 2 2.99 -4.76 10.89
C LYS A 2 1.56 -4.31 10.56
N ASN A 3 1.31 -3.01 10.72
CA ASN A 3 0.03 -2.39 10.43
C ASN A 3 0.07 -1.81 9.01
N ALA A 4 -1.07 -1.37 8.49
CA ALA A 4 -1.15 -0.83 7.13
C ALA A 4 -0.14 0.30 6.88
N ALA A 5 -0.10 1.32 7.75
CA ALA A 5 0.80 2.45 7.61
C ALA A 5 2.26 2.02 7.55
N LYS A 6 2.60 0.91 8.22
CA LYS A 6 3.95 0.37 8.27
C LYS A 6 4.40 -0.04 6.87
N ILE A 7 3.58 -0.83 6.19
CA ILE A 7 3.88 -1.32 4.84
C ILE A 7 3.86 -0.16 3.84
N VAL A 8 2.96 0.81 4.03
CA VAL A 8 2.86 1.98 3.17
C VAL A 8 4.19 2.74 3.18
N ASN A 9 4.70 3.07 4.37
CA ASN A 9 5.96 3.79 4.53
C ASN A 9 7.12 3.05 3.86
N GLU A 10 7.11 1.72 3.93
CA GLU A 10 8.15 0.92 3.31
C GLU A 10 8.02 0.98 1.80
N ALA A 11 6.79 0.98 1.27
CA ALA A 11 6.60 1.03 -0.16
C ALA A 11 7.24 2.31 -0.68
N LEU A 12 6.90 3.47 -0.09
CA LEU A 12 7.47 4.75 -0.52
C LEU A 12 9.00 4.71 -0.48
N ASN A 13 9.56 4.18 0.59
CA ASN A 13 11.02 4.09 0.76
C ASN A 13 11.67 3.20 -0.29
N GLN A 14 10.98 2.18 -0.81
CA GLN A 14 11.51 1.31 -1.84
C GLN A 14 11.18 1.87 -3.25
N GLY A 15 10.56 3.05 -3.33
CA GLY A 15 10.20 3.71 -4.59
C GLY A 15 8.89 3.18 -5.14
N ILE A 16 7.91 2.97 -4.25
CA ILE A 16 6.61 2.45 -4.60
C ILE A 16 5.54 3.39 -4.05
N THR A 17 4.30 3.27 -4.50
CA THR A 17 3.17 4.08 -4.07
C THR A 17 1.98 3.14 -3.92
N LEU A 18 1.60 2.81 -2.70
CA LEU A 18 0.44 1.97 -2.48
C LEU A 18 -0.77 2.88 -2.60
N PHE A 19 -1.81 2.41 -3.27
CA PHE A 19 -3.06 3.12 -3.47
C PHE A 19 -4.09 2.07 -3.81
N VAL A 20 -5.29 2.13 -3.30
CA VAL A 20 -6.32 1.14 -3.61
C VAL A 20 -7.09 1.68 -4.80
N SER A 21 -7.59 0.76 -5.62
CA SER A 21 -8.39 1.05 -6.77
C SER A 21 -9.50 0.02 -6.74
N ASP A 22 -10.75 0.45 -6.90
CA ASP A 22 -11.93 -0.41 -6.93
C ASP A 22 -12.01 -1.35 -5.73
N ASN A 23 -11.74 -0.84 -4.52
CA ASN A 23 -11.80 -1.65 -3.29
C ASN A 23 -10.80 -2.78 -3.27
N LYS A 24 -9.67 -2.59 -3.94
CA LYS A 24 -8.63 -3.58 -4.03
C LYS A 24 -7.32 -2.85 -3.92
N LEU A 25 -6.55 -3.25 -2.92
CA LEU A 25 -5.25 -2.72 -2.62
C LEU A 25 -4.43 -2.75 -3.90
N LYS A 26 -4.02 -1.57 -4.36
CA LYS A 26 -3.17 -1.51 -5.56
C LYS A 26 -1.81 -0.90 -5.18
N TYR A 27 -0.85 -0.93 -6.10
CA TYR A 27 0.49 -0.37 -5.91
C TYR A 27 0.90 0.23 -7.27
N LYS A 28 1.78 1.24 -7.23
CA LYS A 28 2.36 2.00 -8.35
C LYS A 28 3.86 2.05 -8.07
N THR A 29 4.69 2.23 -9.09
CA THR A 29 6.15 2.31 -8.98
C THR A 29 6.72 2.43 -10.40
N ASN A 30 7.84 3.14 -10.52
CA ASN A 30 8.53 3.35 -11.78
C ASN A 30 9.46 2.19 -12.15
N ARG A 31 9.63 1.19 -11.25
CA ARG A 31 10.46 0.02 -11.46
C ARG A 31 9.64 -1.24 -11.26
N ASP A 32 10.11 -2.34 -11.82
CA ASP A 32 9.46 -3.64 -11.71
C ASP A 32 10.24 -4.59 -10.81
N SER A 33 11.48 -4.25 -10.43
CA SER A 33 12.33 -5.08 -9.57
C SER A 33 11.99 -4.87 -8.08
N ILE A 34 10.69 -4.77 -7.77
CA ILE A 34 10.23 -4.58 -6.40
C ILE A 34 10.37 -5.92 -5.67
N PRO A 35 10.55 -5.90 -4.34
CA PRO A 35 10.70 -7.12 -3.57
C PRO A 35 9.38 -7.88 -3.48
N SER A 36 9.43 -9.19 -3.66
CA SER A 36 8.26 -10.06 -3.59
C SER A 36 7.62 -9.98 -2.20
N GLU A 37 8.38 -9.60 -1.16
CA GLU A 37 7.88 -9.48 0.20
C GLU A 37 6.76 -8.44 0.29
N LEU A 38 6.77 -7.45 -0.60
CA LEU A 38 5.74 -6.43 -0.63
C LEU A 38 4.47 -7.06 -1.17
N LEU A 39 4.53 -7.80 -2.28
CA LEU A 39 3.37 -8.46 -2.88
C LEU A 39 2.70 -9.41 -1.90
N GLU A 40 3.50 -10.13 -1.10
CA GLU A 40 3.03 -11.08 -0.12
C GLU A 40 2.36 -10.37 1.06
N GLU A 41 3.04 -9.42 1.72
CA GLU A 41 2.47 -8.72 2.87
C GLU A 41 1.23 -7.98 2.44
N TRP A 42 1.26 -7.33 1.26
CA TRP A 42 0.13 -6.60 0.75
C TRP A 42 -1.09 -7.52 0.70
N LYS A 43 -0.97 -8.73 0.16
CA LYS A 43 -2.08 -9.67 0.09
C LYS A 43 -2.45 -10.18 1.48
N GLN A 44 -1.51 -10.31 2.42
CA GLN A 44 -1.81 -10.78 3.76
C GLN A 44 -2.58 -9.71 4.56
N HIS A 45 -2.13 -8.46 4.53
CA HIS A 45 -2.70 -7.34 5.25
C HIS A 45 -3.57 -6.47 4.33
N LYS A 46 -4.10 -7.04 3.23
CA LYS A 46 -4.91 -6.33 2.24
C LYS A 46 -6.12 -5.65 2.84
N GLN A 47 -6.77 -6.26 3.81
CA GLN A 47 -7.96 -5.68 4.40
C GLN A 47 -7.62 -4.40 5.15
N GLU A 48 -6.67 -4.48 6.06
CA GLU A 48 -6.27 -3.34 6.87
C GLU A 48 -5.62 -2.29 5.96
N LEU A 49 -4.85 -2.72 4.96
CA LEU A 49 -4.22 -1.82 4.01
C LEU A 49 -5.27 -1.06 3.22
N ILE A 50 -6.38 -1.68 2.82
CA ILE A 50 -7.41 -1.00 2.04
C ILE A 50 -8.09 -0.01 2.94
N ASP A 51 -8.47 -0.39 4.16
CA ASP A 51 -9.16 0.48 5.10
C ASP A 51 -8.37 1.76 5.38
N PHE A 52 -7.06 1.64 5.55
CA PHE A 52 -6.18 2.75 5.82
C PHE A 52 -5.86 3.58 4.58
N LEU A 53 -5.77 2.95 3.42
CA LEU A 53 -5.46 3.69 2.19
C LEU A 53 -6.70 4.38 1.63
N THR A 54 -7.87 3.77 1.79
CA THR A 54 -9.11 4.33 1.31
C THR A 54 -9.53 5.48 2.22
N GLN A 55 -9.32 5.37 3.54
CA GLN A 55 -9.74 6.45 4.42
C GLN A 55 -8.91 7.71 4.19
N LEU A 56 -7.71 7.56 3.62
CA LEU A 56 -6.81 8.67 3.34
C LEU A 56 -7.15 9.23 1.96
N GLU A 57 -7.51 8.36 1.01
CA GLU A 57 -7.89 8.73 -0.35
C GLU A 57 -9.07 9.71 -0.31
N SER A 58 -9.95 9.54 0.68
CA SER A 58 -11.14 10.36 0.91
C SER A 58 -10.84 11.81 1.31
N GLU A 59 -9.65 12.10 1.85
CA GLU A 59 -9.30 13.46 2.26
C GLU A 59 -8.98 14.26 1.02
N GLU A 60 -9.83 15.22 0.66
CA GLU A 60 -9.62 16.06 -0.52
C GLU A 60 -9.12 17.43 -0.08
N GLU A 61 -9.91 18.24 0.61
CA GLU A 61 -9.50 19.56 1.07
C GLU A 61 -8.65 19.40 2.33
N SER A 62 -7.33 19.36 2.15
CA SER A 62 -6.37 19.21 3.24
C SER A 62 -6.07 20.59 3.82
N MET A 1 4.70 -7.10 14.61
CA MET A 1 3.55 -6.28 15.02
C MET A 1 3.45 -5.05 14.13
N LYS A 2 3.15 -5.29 12.85
CA LYS A 2 3.01 -4.25 11.83
C LYS A 2 1.53 -3.91 11.66
N ASN A 3 1.24 -3.00 10.74
CA ASN A 3 -0.09 -2.50 10.39
C ASN A 3 -0.04 -1.95 8.97
N ALA A 4 -1.18 -1.56 8.41
CA ALA A 4 -1.30 -1.02 7.06
C ALA A 4 -0.26 0.07 6.74
N ALA A 5 -0.11 1.08 7.60
CA ALA A 5 0.83 2.16 7.39
C ALA A 5 2.27 1.65 7.32
N LYS A 6 2.58 0.61 8.09
CA LYS A 6 3.93 0.06 8.12
C LYS A 6 4.30 -0.45 6.72
N ILE A 7 3.45 -1.24 6.08
CA ILE A 7 3.76 -1.74 4.74
C ILE A 7 3.77 -0.58 3.74
N VAL A 8 2.89 0.41 3.91
CA VAL A 8 2.85 1.57 3.02
C VAL A 8 4.21 2.25 3.09
N ASN A 9 4.68 2.60 4.28
CA ASN A 9 5.96 3.26 4.48
C ASN A 9 7.11 2.46 3.86
N GLU A 10 7.07 1.13 3.95
CA GLU A 10 8.12 0.31 3.37
C GLU A 10 8.07 0.45 1.85
N ALA A 11 6.86 0.45 1.27
CA ALA A 11 6.68 0.59 -0.17
C ALA A 11 7.27 1.94 -0.60
N LEU A 12 6.91 3.02 0.09
CA LEU A 12 7.37 4.37 -0.23
C LEU A 12 8.90 4.47 -0.17
N ASN A 13 9.55 3.79 0.78
CA ASN A 13 11.01 3.82 0.87
C ASN A 13 11.58 3.22 -0.41
N GLN A 14 11.00 2.12 -0.89
CA GLN A 14 11.40 1.47 -2.14
C GLN A 14 10.85 2.23 -3.37
N GLY A 15 10.23 3.40 -3.17
CA GLY A 15 9.68 4.24 -4.20
C GLY A 15 8.40 3.73 -4.82
N ILE A 16 7.54 3.08 -4.02
CA ILE A 16 6.30 2.49 -4.50
C ILE A 16 5.12 3.09 -3.72
N THR A 17 4.10 3.55 -4.43
CA THR A 17 2.91 4.15 -3.88
C THR A 17 1.87 3.04 -3.74
N LEU A 18 1.35 2.82 -2.54
CA LEU A 18 0.29 1.85 -2.31
C LEU A 18 -0.98 2.68 -2.36
N PHE A 19 -1.94 2.28 -3.18
CA PHE A 19 -3.21 2.99 -3.32
C PHE A 19 -4.29 1.95 -3.58
N VAL A 20 -5.56 2.23 -3.34
CA VAL A 20 -6.65 1.30 -3.58
C VAL A 20 -7.37 1.71 -4.86
N SER A 21 -7.79 0.71 -5.63
CA SER A 21 -8.49 0.83 -6.89
C SER A 21 -9.69 -0.11 -6.81
N ASP A 22 -10.91 0.41 -6.84
CA ASP A 22 -12.16 -0.33 -6.79
C ASP A 22 -12.28 -1.19 -5.53
N ASN A 23 -11.94 -0.61 -4.37
CA ASN A 23 -12.00 -1.28 -3.07
C ASN A 23 -11.01 -2.44 -3.01
N LYS A 24 -9.88 -2.30 -3.70
CA LYS A 24 -8.85 -3.32 -3.77
C LYS A 24 -7.47 -2.69 -3.68
N LEU A 25 -6.67 -3.14 -2.72
CA LEU A 25 -5.31 -2.69 -2.48
C LEU A 25 -4.50 -2.93 -3.75
N LYS A 26 -3.93 -1.86 -4.29
CA LYS A 26 -3.09 -1.83 -5.48
C LYS A 26 -1.77 -1.17 -5.12
N TYR A 27 -0.84 -1.15 -6.07
CA TYR A 27 0.47 -0.55 -5.90
C TYR A 27 0.80 0.17 -7.22
N LYS A 28 1.70 1.14 -7.16
CA LYS A 28 2.14 1.95 -8.29
C LYS A 28 3.61 2.31 -8.18
N THR A 29 4.38 2.07 -9.22
CA THR A 29 5.80 2.35 -9.27
C THR A 29 6.22 2.41 -10.74
N ASN A 30 7.44 2.88 -10.98
CA ASN A 30 8.05 3.00 -12.30
C ASN A 30 9.13 1.92 -12.48
N ARG A 31 9.31 1.03 -11.50
CA ARG A 31 10.29 -0.06 -11.54
C ARG A 31 9.51 -1.37 -11.43
N ASP A 32 10.22 -2.48 -11.63
CA ASP A 32 9.64 -3.82 -11.57
C ASP A 32 10.53 -4.80 -10.84
N SER A 33 11.71 -4.37 -10.41
CA SER A 33 12.69 -5.18 -9.68
C SER A 33 12.45 -5.17 -8.16
N ILE A 34 11.23 -4.81 -7.76
CA ILE A 34 10.76 -4.71 -6.38
C ILE A 34 10.91 -6.03 -5.61
N PRO A 35 11.03 -5.97 -4.26
CA PRO A 35 11.18 -7.14 -3.42
C PRO A 35 9.84 -7.86 -3.26
N SER A 36 9.83 -9.19 -3.37
CA SER A 36 8.58 -9.95 -3.24
C SER A 36 7.93 -9.73 -1.87
N GLU A 37 8.72 -9.39 -0.83
CA GLU A 37 8.21 -9.16 0.51
C GLU A 37 7.05 -8.14 0.50
N LEU A 38 7.05 -7.21 -0.47
CA LEU A 38 6.00 -6.22 -0.62
C LEU A 38 4.76 -6.92 -1.10
N LEU A 39 4.80 -7.64 -2.23
CA LEU A 39 3.63 -8.33 -2.79
C LEU A 39 3.03 -9.32 -1.79
N GLU A 40 3.88 -9.94 -0.98
CA GLU A 40 3.52 -10.91 0.05
C GLU A 40 2.78 -10.20 1.18
N GLU A 41 3.42 -9.20 1.80
CA GLU A 41 2.83 -8.49 2.92
C GLU A 41 1.57 -7.71 2.49
N TRP A 42 1.57 -7.20 1.26
CA TRP A 42 0.44 -6.46 0.74
C TRP A 42 -0.77 -7.39 0.64
N LYS A 43 -0.60 -8.60 0.11
CA LYS A 43 -1.69 -9.58 -0.01
C LYS A 43 -2.19 -10.01 1.37
N GLN A 44 -1.29 -10.03 2.35
CA GLN A 44 -1.62 -10.44 3.70
C GLN A 44 -2.46 -9.37 4.41
N HIS A 45 -1.99 -8.12 4.39
CA HIS A 45 -2.64 -7.00 5.05
C HIS A 45 -3.57 -6.23 4.10
N LYS A 46 -3.92 -6.77 2.94
CA LYS A 46 -4.74 -6.12 1.92
C LYS A 46 -6.03 -5.55 2.49
N GLN A 47 -6.67 -6.26 3.42
CA GLN A 47 -7.89 -5.80 4.01
C GLN A 47 -7.70 -4.48 4.76
N GLU A 48 -6.73 -4.41 5.67
CA GLU A 48 -6.50 -3.19 6.44
C GLU A 48 -5.84 -2.13 5.58
N LEU A 49 -5.01 -2.53 4.62
CA LEU A 49 -4.33 -1.61 3.71
C LEU A 49 -5.39 -0.80 2.98
N ILE A 50 -6.50 -1.42 2.58
CA ILE A 50 -7.59 -0.75 1.90
C ILE A 50 -8.19 0.24 2.89
N ASP A 51 -8.63 -0.24 4.05
CA ASP A 51 -9.29 0.54 5.10
C ASP A 51 -8.52 1.77 5.57
N PHE A 52 -7.20 1.70 5.50
CA PHE A 52 -6.28 2.76 5.88
C PHE A 52 -5.94 3.68 4.71
N LEU A 53 -5.84 3.15 3.49
CA LEU A 53 -5.52 3.98 2.33
C LEU A 53 -6.76 4.69 1.81
N THR A 54 -7.92 4.03 1.82
CA THR A 54 -9.18 4.56 1.34
C THR A 54 -9.65 5.73 2.20
N GLN A 55 -9.35 5.71 3.50
CA GLN A 55 -9.74 6.79 4.39
C GLN A 55 -8.83 8.01 4.17
N LEU A 56 -7.59 7.78 3.72
CA LEU A 56 -6.62 8.81 3.45
C LEU A 56 -6.93 9.41 2.08
N GLU A 57 -7.34 8.59 1.11
CA GLU A 57 -7.67 8.99 -0.27
C GLU A 57 -8.67 10.14 -0.32
N SER A 58 -9.54 10.24 0.69
CA SER A 58 -10.54 11.28 0.80
C SER A 58 -9.96 12.61 1.35
N GLU A 59 -8.91 12.58 2.17
CA GLU A 59 -8.31 13.78 2.74
C GLU A 59 -7.56 14.50 1.64
N GLU A 60 -7.85 15.78 1.42
CA GLU A 60 -7.19 16.57 0.38
C GLU A 60 -5.91 17.25 0.87
N GLU A 61 -5.53 17.03 2.12
CA GLU A 61 -4.30 17.57 2.72
C GLU A 61 -3.36 16.39 2.94
N SER A 62 -3.29 15.52 1.93
CA SER A 62 -2.46 14.34 1.86
C SER A 62 -1.00 14.73 1.99
#